data_5X8Z
#
_entry.id   5X8Z
#
_cell.length_a   99.397
_cell.length_b   52.337
_cell.length_c   140.068
_cell.angle_alpha   90.00
_cell.angle_beta   103.81
_cell.angle_gamma   90.00
#
_symmetry.space_group_name_H-M   'I 1 2 1'
#
loop_
_entity.id
_entity.type
_entity.pdbx_description
1 polymer 'Penicillin V acylase-like protein'
2 water water
#
_entity_poly.entity_id   1
_entity_poly.type   'polypeptide(L)'
_entity_poly.pdbx_seq_one_letter_code
;CSRLVTETQYGTMLMRTADWVSTAPFDGHMSVFPVGTERTMRGQVAEYQQAMTKWQTKYHTLSIEEHGAFGGLSGQTSNE
KGLSVMALSQHDSEPYLSQHKDNGAPAVNTADVVSFITERYATTAEVKAALDNGEFQIAWASAPNGMEHAAPLHYSVVDA
DGNIMLIQLVKGGEQKIYLGDAESDLRVKTNDPLQEKHREYMQQFDLKDPSVATKMPWSIGGLERNSRLLAMSTHMDLEG
LSYTETVARQKGTFDAAALVPFGVQDPKTGEDYPSFFSMQYNLDNGDIWFRSLMSGKEIKFNLEDTKQFKTPMHADIMAQ
VDKGAQTITWSKMHHHHHH
;
_entity_poly.pdbx_strand_id   A,B
#
# COMPACT_ATOMS: atom_id res chain seq x y z
N CYS A 1 3.91 -11.87 -8.45
CA CYS A 1 2.61 -11.50 -8.91
C CYS A 1 1.71 -12.13 -7.89
N SER A 2 0.62 -11.51 -7.56
CA SER A 2 -0.27 -12.08 -6.66
C SER A 2 -1.67 -11.68 -7.18
N ARG A 3 -2.64 -12.56 -6.90
CA ARG A 3 -4.00 -12.31 -7.30
C ARG A 3 -4.94 -12.77 -6.22
N LEU A 4 -5.98 -11.98 -5.91
CA LEU A 4 -7.01 -12.23 -4.90
C LEU A 4 -8.38 -12.05 -5.46
N VAL A 5 -9.25 -13.05 -5.30
CA VAL A 5 -10.66 -12.87 -5.58
C VAL A 5 -11.39 -12.73 -4.27
N THR A 6 -12.24 -11.71 -4.18
CA THR A 6 -13.13 -11.52 -3.04
C THR A 6 -14.58 -11.28 -3.44
N GLU A 7 -15.48 -12.20 -2.94
CA GLU A 7 -16.93 -12.02 -3.11
C GLU A 7 -17.37 -10.85 -2.22
N THR A 8 -18.07 -9.93 -2.86
CA THR A 8 -18.67 -8.84 -2.13
C THR A 8 -20.11 -8.66 -2.52
N GLN A 9 -20.80 -7.92 -1.64
CA GLN A 9 -22.21 -7.65 -1.96
C GLN A 9 -22.41 -6.83 -3.20
N TYR A 10 -21.36 -6.13 -3.68
CA TYR A 10 -21.44 -5.29 -4.87
C TYR A 10 -20.90 -5.94 -6.10
N GLY A 11 -20.47 -7.19 -5.94
CA GLY A 11 -19.82 -7.92 -7.02
C GLY A 11 -18.55 -8.66 -6.65
N THR A 12 -18.17 -9.53 -7.59
CA THR A 12 -16.99 -10.33 -7.42
C THR A 12 -15.78 -9.46 -7.80
N MET A 13 -14.92 -9.19 -6.81
CA MET A 13 -13.78 -8.28 -6.96
C MET A 13 -12.48 -9.09 -7.17
N LEU A 14 -11.69 -8.68 -8.06
CA LEU A 14 -10.41 -9.34 -8.33
C LEU A 14 -9.35 -8.27 -8.27
N MET A 15 -8.23 -8.54 -7.58
CA MET A 15 -7.07 -7.72 -7.57
C MET A 15 -5.83 -8.53 -7.99
N ARG A 16 -4.97 -7.94 -8.82
CA ARG A 16 -3.77 -8.59 -9.24
C ARG A 16 -2.59 -7.59 -9.37
N THR A 17 -1.43 -7.93 -8.83
CA THR A 17 -0.20 -7.26 -9.03
C THR A 17 0.65 -7.95 -10.12
N ALA A 18 1.40 -7.15 -10.89
CA ALA A 18 2.39 -7.54 -11.82
C ALA A 18 3.75 -7.18 -11.23
N ASP A 19 4.51 -8.18 -10.85
CA ASP A 19 5.78 -8.08 -10.13
C ASP A 19 6.90 -8.65 -11.00
N TRP A 20 8.10 -8.09 -10.92
CA TRP A 20 9.22 -8.59 -11.69
C TRP A 20 10.51 -8.14 -11.09
N VAL A 21 11.63 -8.71 -11.50
CA VAL A 21 12.89 -8.20 -11.09
C VAL A 21 13.12 -6.78 -11.57
N SER A 22 13.82 -5.98 -10.77
CA SER A 22 14.01 -4.60 -11.06
C SER A 22 14.90 -4.32 -12.21
N THR A 23 15.62 -5.32 -12.67
CA THR A 23 16.56 -5.13 -13.72
C THR A 23 15.84 -5.24 -15.10
N ALA A 24 14.55 -5.60 -15.13
CA ALA A 24 13.80 -5.65 -16.33
C ALA A 24 12.37 -5.05 -16.01
N PRO A 25 12.29 -3.75 -15.89
CA PRO A 25 11.02 -3.15 -15.38
C PRO A 25 9.86 -3.44 -16.31
N PHE A 26 8.71 -3.68 -15.70
CA PHE A 26 7.44 -3.86 -16.42
C PHE A 26 6.91 -2.54 -16.98
N ASP A 27 6.13 -2.63 -18.03
CA ASP A 27 5.46 -1.48 -18.74
C ASP A 27 4.10 -2.04 -19.23
N GLY A 28 3.02 -1.80 -18.49
CA GLY A 28 1.67 -2.26 -18.85
C GLY A 28 1.01 -1.51 -19.98
N HIS A 29 0.48 -2.26 -20.96
CA HIS A 29 -0.27 -1.64 -22.04
C HIS A 29 -1.65 -2.29 -22.03
N MET A 30 -2.61 -1.72 -22.78
CA MET A 30 -3.92 -2.31 -22.88
C MET A 30 -4.33 -2.31 -24.35
N SER A 31 -4.95 -3.42 -24.79
CA SER A 31 -5.60 -3.52 -26.05
C SER A 31 -7.11 -3.85 -25.92
N VAL A 32 -7.90 -3.31 -26.82
CA VAL A 32 -9.34 -3.56 -26.90
C VAL A 32 -9.60 -4.34 -28.18
N PHE A 33 -10.24 -5.52 -28.03
CA PHE A 33 -10.62 -6.36 -29.16
C PHE A 33 -12.19 -6.39 -29.22
N PRO A 34 -12.81 -5.64 -30.16
CA PRO A 34 -14.25 -5.68 -30.30
C PRO A 34 -14.79 -6.91 -30.90
N VAL A 35 -16.08 -7.11 -30.65
CA VAL A 35 -16.74 -8.28 -31.25
C VAL A 35 -16.54 -8.26 -32.78
N GLY A 36 -16.24 -9.44 -33.33
CA GLY A 36 -16.11 -9.59 -34.82
C GLY A 36 -14.71 -9.38 -35.34
N THR A 37 -13.75 -8.95 -34.50
CA THR A 37 -12.41 -8.83 -34.94
C THR A 37 -11.83 -10.10 -35.49
N GLU A 38 -11.28 -10.02 -36.68
CA GLU A 38 -10.50 -11.15 -37.23
C GLU A 38 -9.11 -11.09 -36.67
N ARG A 39 -8.76 -12.04 -35.83
CA ARG A 39 -7.55 -12.08 -35.11
C ARG A 39 -6.55 -13.03 -35.74
N THR A 40 -5.29 -12.67 -35.65
CA THR A 40 -4.17 -13.47 -36.10
C THR A 40 -3.21 -13.68 -34.93
N MET A 41 -2.97 -14.92 -34.58
CA MET A 41 -2.04 -15.24 -33.48
C MET A 41 -0.68 -14.63 -33.67
N ARG A 42 -0.14 -14.06 -32.57
CA ARG A 42 1.26 -13.75 -32.55
C ARG A 42 2.12 -14.93 -32.25
N GLY A 43 3.30 -14.94 -32.85
CA GLY A 43 4.25 -15.96 -32.55
C GLY A 43 3.99 -17.25 -33.31
N GLN A 44 4.84 -18.20 -33.03
CA GLN A 44 4.69 -19.56 -33.54
C GLN A 44 4.52 -20.57 -32.43
N VAL A 45 4.05 -21.74 -32.82
CA VAL A 45 3.86 -22.87 -31.94
C VAL A 45 4.37 -24.08 -32.69
N ALA A 46 5.64 -24.03 -33.08
CA ALA A 46 6.13 -25.09 -34.02
C ALA A 46 6.24 -26.47 -33.37
N GLU A 47 6.33 -26.53 -32.05
CA GLU A 47 6.39 -27.78 -31.30
C GLU A 47 5.06 -28.56 -31.40
N TYR A 48 3.97 -27.88 -31.83
CA TYR A 48 2.64 -28.47 -31.91
C TYR A 48 2.17 -28.65 -33.33
N GLN A 49 1.37 -29.72 -33.53
CA GLN A 49 0.97 -30.08 -34.86
C GLN A 49 0.02 -29.10 -35.51
N GLN A 50 -0.86 -28.53 -34.68
CA GLN A 50 -1.88 -27.62 -35.17
C GLN A 50 -1.77 -26.31 -34.33
N ALA A 51 -1.76 -25.21 -35.03
CA ALA A 51 -1.75 -23.84 -34.47
C ALA A 51 -3.10 -23.18 -34.54
N MET A 52 -3.44 -22.36 -33.52
CA MET A 52 -4.61 -21.48 -33.60
C MET A 52 -4.25 -20.19 -34.32
N THR A 53 -3.95 -20.32 -35.62
CA THR A 53 -3.50 -19.25 -36.45
C THR A 53 -4.41 -18.08 -36.47
N LYS A 54 -5.71 -18.28 -36.60
CA LYS A 54 -6.67 -17.19 -36.69
C LYS A 54 -7.90 -17.53 -35.91
N TRP A 55 -8.59 -16.51 -35.39
CA TRP A 55 -9.91 -16.73 -34.78
C TRP A 55 -10.69 -15.46 -34.86
N GLN A 56 -11.97 -15.48 -34.50
CA GLN A 56 -12.75 -14.30 -34.47
C GLN A 56 -13.13 -13.91 -33.03
N THR A 57 -13.05 -12.62 -32.67
CA THR A 57 -13.54 -12.27 -31.34
C THR A 57 -15.04 -12.43 -31.17
N LYS A 58 -15.45 -13.23 -30.20
CA LYS A 58 -16.87 -13.38 -29.85
C LYS A 58 -17.34 -12.42 -28.81
N TYR A 59 -16.50 -12.17 -27.78
CA TYR A 59 -16.85 -11.30 -26.60
C TYR A 59 -15.84 -10.19 -26.57
N HIS A 60 -16.36 -8.96 -26.41
CA HIS A 60 -15.58 -7.73 -26.32
C HIS A 60 -14.58 -7.89 -25.15
N THR A 61 -13.32 -7.70 -25.46
CA THR A 61 -12.22 -8.09 -24.49
C THR A 61 -11.21 -6.92 -24.36
N LEU A 62 -10.85 -6.63 -23.08
CA LEU A 62 -9.73 -5.73 -22.78
C LEU A 62 -8.57 -6.55 -22.30
N SER A 63 -7.45 -6.42 -23.00
CA SER A 63 -6.25 -7.21 -22.64
C SER A 63 -5.11 -6.39 -22.15
N ILE A 64 -4.57 -6.71 -21.00
CA ILE A 64 -3.39 -6.04 -20.36
C ILE A 64 -2.15 -6.79 -20.76
N GLU A 65 -1.28 -6.12 -21.49
CA GLU A 65 -0.08 -6.69 -22.06
C GLU A 65 1.17 -6.12 -21.35
N GLU A 66 2.19 -6.96 -21.16
CA GLU A 66 3.40 -6.59 -20.47
C GLU A 66 4.48 -6.39 -21.55
N HIS A 67 4.83 -5.14 -21.81
CA HIS A 67 5.80 -4.73 -22.81
C HIS A 67 7.26 -4.60 -22.37
N GLY A 68 7.50 -4.57 -21.08
CA GLY A 68 8.84 -4.22 -20.54
C GLY A 68 9.78 -5.39 -20.72
N ALA A 69 9.31 -6.60 -20.41
CA ALA A 69 10.15 -7.80 -20.29
C ALA A 69 9.51 -8.98 -21.05
N PHE A 70 8.19 -8.95 -21.27
CA PHE A 70 7.50 -10.16 -21.86
C PHE A 70 7.08 -9.92 -23.32
N GLY A 71 7.53 -8.85 -23.95
CA GLY A 71 7.37 -8.64 -25.39
C GLY A 71 5.97 -8.37 -25.86
N GLY A 72 5.10 -7.93 -24.95
CA GLY A 72 3.71 -7.69 -25.22
C GLY A 72 2.77 -8.82 -24.96
N LEU A 73 3.23 -9.81 -24.20
CA LEU A 73 2.38 -10.95 -23.82
C LEU A 73 1.17 -10.48 -23.03
N SER A 74 0.02 -11.04 -23.32
CA SER A 74 -1.23 -10.78 -22.58
C SER A 74 -1.24 -11.54 -21.27
N GLY A 75 -1.25 -10.75 -20.15
CA GLY A 75 -1.17 -11.36 -18.84
C GLY A 75 -2.43 -11.24 -18.00
N GLN A 76 -3.35 -10.38 -18.35
CA GLN A 76 -4.56 -10.13 -17.57
C GLN A 76 -5.66 -9.65 -18.50
N THR A 77 -6.81 -10.31 -18.58
CA THR A 77 -7.85 -9.93 -19.51
C THR A 77 -9.19 -10.00 -18.83
N SER A 78 -10.11 -9.32 -19.41
CA SER A 78 -11.51 -9.41 -19.03
C SER A 78 -12.37 -9.16 -20.26
N ASN A 79 -13.61 -9.69 -20.18
CA ASN A 79 -14.60 -9.49 -21.20
C ASN A 79 -15.93 -8.98 -20.72
N GLU A 80 -16.78 -8.67 -21.72
CA GLU A 80 -18.10 -8.13 -21.45
C GLU A 80 -19.04 -9.06 -20.70
N LYS A 81 -18.72 -10.36 -20.60
CA LYS A 81 -19.47 -11.29 -19.75
C LYS A 81 -18.98 -11.43 -18.38
N GLY A 82 -17.97 -10.60 -18.00
CA GLY A 82 -17.36 -10.76 -16.71
C GLY A 82 -16.37 -11.82 -16.49
N LEU A 83 -15.90 -12.47 -17.57
CA LEU A 83 -14.86 -13.47 -17.43
C LEU A 83 -13.49 -12.74 -17.32
N SER A 84 -12.66 -13.23 -16.43
CA SER A 84 -11.28 -12.72 -16.22
C SER A 84 -10.32 -13.87 -16.41
N VAL A 85 -9.23 -13.70 -17.16
CA VAL A 85 -8.23 -14.67 -17.34
C VAL A 85 -6.87 -14.09 -17.07
N MET A 86 -5.92 -14.87 -16.53
CA MET A 86 -4.63 -14.31 -16.13
C MET A 86 -3.56 -15.35 -16.19
N ALA A 87 -2.37 -14.88 -16.44
CA ALA A 87 -1.11 -15.62 -16.36
C ALA A 87 -0.19 -14.99 -15.35
N LEU A 88 0.32 -15.78 -14.44
CA LEU A 88 1.29 -15.34 -13.44
C LEU A 88 2.52 -16.21 -13.61
N SER A 89 3.65 -15.73 -13.12
CA SER A 89 4.84 -16.56 -13.20
C SER A 89 4.69 -17.81 -12.27
N GLN A 90 5.30 -18.91 -12.70
CA GLN A 90 5.30 -20.17 -11.97
C GLN A 90 6.62 -20.86 -12.24
N HIS A 91 7.67 -20.37 -11.59
CA HIS A 91 9.02 -20.83 -11.94
C HIS A 91 9.24 -22.35 -11.69
N ASP A 92 8.44 -22.97 -10.80
CA ASP A 92 8.57 -24.43 -10.55
C ASP A 92 8.11 -25.26 -11.74
N SER A 93 7.49 -24.65 -12.75
CA SER A 93 7.05 -25.42 -13.91
C SER A 93 8.11 -25.39 -14.94
N GLU A 94 9.20 -24.63 -14.79
CA GLU A 94 10.20 -24.48 -15.84
C GLU A 94 10.83 -25.80 -16.40
N PRO A 95 11.11 -26.78 -15.52
CA PRO A 95 11.75 -28.03 -16.05
C PRO A 95 10.76 -28.92 -16.73
N TYR A 96 9.46 -28.65 -16.60
CA TYR A 96 8.44 -29.46 -17.15
C TYR A 96 7.88 -28.97 -18.49
N LEU A 97 8.09 -27.72 -18.86
CA LEU A 97 7.54 -27.16 -20.04
C LEU A 97 7.79 -27.96 -21.27
N SER A 98 9.05 -28.38 -21.48
CA SER A 98 9.36 -29.15 -22.70
C SER A 98 8.70 -30.54 -22.69
N GLN A 99 8.18 -30.98 -21.56
CA GLN A 99 7.56 -32.29 -21.42
C GLN A 99 6.08 -32.27 -21.66
N HIS A 100 5.50 -31.10 -21.89
CA HIS A 100 4.09 -31.07 -22.20
C HIS A 100 3.82 -31.83 -23.49
N LYS A 101 2.84 -32.73 -23.46
CA LYS A 101 2.50 -33.47 -24.64
C LYS A 101 1.38 -32.81 -25.44
N ASP A 102 1.63 -32.59 -26.72
CA ASP A 102 0.67 -32.09 -27.70
C ASP A 102 -0.55 -33.01 -27.78
N ASN A 103 -1.74 -32.54 -27.41
CA ASN A 103 -2.95 -33.36 -27.49
C ASN A 103 -3.67 -33.25 -28.86
N GLY A 104 -3.04 -32.65 -29.84
CA GLY A 104 -3.69 -32.41 -31.09
C GLY A 104 -4.60 -31.26 -31.32
N ALA A 105 -4.97 -30.59 -30.23
CA ALA A 105 -5.77 -29.37 -30.29
C ALA A 105 -4.97 -28.21 -30.94
N PRO A 106 -5.66 -27.25 -31.58
CA PRO A 106 -4.97 -26.01 -32.03
C PRO A 106 -4.32 -25.33 -30.83
N ALA A 107 -3.02 -25.17 -30.98
CA ALA A 107 -2.20 -24.61 -29.86
C ALA A 107 -2.13 -23.14 -29.95
N VAL A 108 -2.31 -22.45 -28.81
CA VAL A 108 -2.24 -20.99 -28.77
C VAL A 108 -0.98 -20.55 -28.10
N ASN A 109 -0.26 -19.69 -28.78
CA ASN A 109 1.04 -19.15 -28.30
C ASN A 109 0.70 -18.38 -26.95
N THR A 110 1.62 -18.50 -26.02
CA THR A 110 1.36 -18.01 -24.62
C THR A 110 1.32 -16.52 -24.62
N ALA A 111 1.85 -15.84 -25.64
CA ALA A 111 1.63 -14.36 -25.75
C ALA A 111 0.14 -13.95 -25.86
N ASP A 112 -0.65 -14.84 -26.48
CA ASP A 112 -2.05 -14.53 -26.75
C ASP A 112 -3.11 -15.33 -25.99
N VAL A 113 -2.68 -16.45 -25.41
CA VAL A 113 -3.71 -17.45 -24.96
C VAL A 113 -4.67 -16.85 -23.92
N VAL A 114 -4.16 -15.93 -23.03
CA VAL A 114 -5.02 -15.32 -22.01
C VAL A 114 -6.13 -14.46 -22.64
N SER A 115 -5.79 -13.70 -23.68
CA SER A 115 -6.79 -12.90 -24.41
C SER A 115 -7.74 -13.79 -25.22
N PHE A 116 -7.16 -14.77 -25.87
CA PHE A 116 -7.95 -15.75 -26.66
C PHE A 116 -9.11 -16.31 -25.86
N ILE A 117 -8.80 -16.74 -24.63
CA ILE A 117 -9.85 -17.31 -23.79
C ILE A 117 -10.96 -16.35 -23.49
N THR A 118 -10.66 -15.11 -23.07
CA THR A 118 -11.71 -14.13 -22.90
C THR A 118 -12.45 -13.79 -24.22
N GLU A 119 -11.76 -13.85 -25.37
CA GLU A 119 -12.40 -13.49 -26.61
C GLU A 119 -13.35 -14.60 -27.10
N ARG A 120 -13.24 -15.74 -26.52
CA ARG A 120 -14.07 -16.93 -26.99
C ARG A 120 -15.07 -17.46 -26.06
N TYR A 121 -14.95 -17.21 -24.76
CA TYR A 121 -15.70 -17.93 -23.69
C TYR A 121 -16.24 -16.97 -22.67
N ALA A 122 -17.34 -17.39 -22.12
CA ALA A 122 -18.11 -16.52 -21.17
C ALA A 122 -18.05 -16.93 -19.75
N THR A 123 -17.75 -18.17 -19.41
CA THR A 123 -17.80 -18.71 -18.09
C THR A 123 -16.65 -19.58 -17.80
N THR A 124 -16.29 -19.82 -16.54
CA THR A 124 -15.18 -20.77 -16.25
C THR A 124 -15.50 -22.19 -16.78
N ALA A 125 -16.76 -22.61 -16.56
CA ALA A 125 -17.13 -23.95 -17.04
C ALA A 125 -17.00 -24.05 -18.52
N GLU A 126 -17.29 -22.99 -19.28
CA GLU A 126 -17.11 -23.05 -20.73
C GLU A 126 -15.69 -23.27 -21.15
N VAL A 127 -14.77 -22.55 -20.46
CA VAL A 127 -13.32 -22.73 -20.71
C VAL A 127 -12.89 -24.20 -20.40
N LYS A 128 -13.30 -24.70 -19.26
CA LYS A 128 -12.97 -26.07 -18.87
C LYS A 128 -13.46 -27.04 -19.93
N ALA A 129 -14.67 -26.79 -20.40
CA ALA A 129 -15.23 -27.72 -21.42
C ALA A 129 -14.50 -27.64 -22.71
N ALA A 130 -14.07 -26.43 -23.10
CA ALA A 130 -13.32 -26.27 -24.34
C ALA A 130 -12.01 -26.95 -24.32
N LEU A 131 -11.29 -26.80 -23.22
CA LEU A 131 -10.05 -27.55 -22.97
C LEU A 131 -10.28 -29.06 -23.09
N ASP A 132 -11.30 -29.47 -22.40
CA ASP A 132 -11.55 -30.97 -22.33
C ASP A 132 -11.90 -31.44 -23.70
N ASN A 133 -12.60 -30.66 -24.49
CA ASN A 133 -13.10 -31.08 -25.84
C ASN A 133 -12.09 -30.85 -26.86
N GLY A 134 -10.93 -30.29 -26.54
CA GLY A 134 -9.92 -30.15 -27.57
C GLY A 134 -10.11 -29.01 -28.55
N GLU A 135 -10.79 -27.96 -28.05
CA GLU A 135 -11.00 -26.83 -28.95
C GLU A 135 -9.75 -25.96 -29.04
N PHE A 136 -8.87 -26.03 -28.05
CA PHE A 136 -7.59 -25.31 -28.01
C PHE A 136 -6.74 -25.95 -26.94
N GLN A 137 -5.44 -25.66 -26.97
CA GLN A 137 -4.53 -25.98 -25.83
C GLN A 137 -3.52 -24.88 -25.74
N ILE A 138 -3.01 -24.72 -24.51
CA ILE A 138 -1.91 -23.78 -24.21
C ILE A 138 -0.65 -24.41 -24.87
N ALA A 139 0.13 -23.58 -25.54
CA ALA A 139 1.40 -23.99 -26.18
C ALA A 139 2.53 -23.95 -25.14
N TRP A 140 2.47 -24.80 -24.13
CA TRP A 140 3.36 -24.79 -23.04
C TRP A 140 4.84 -24.83 -23.43
N ALA A 141 5.13 -25.63 -24.43
CA ALA A 141 6.52 -25.86 -24.80
C ALA A 141 7.05 -24.84 -25.79
N SER A 142 6.21 -23.91 -26.27
CA SER A 142 6.65 -22.90 -27.23
C SER A 142 6.97 -21.56 -26.59
N ALA A 143 8.06 -20.96 -27.07
CA ALA A 143 8.39 -19.62 -26.60
C ALA A 143 7.25 -18.64 -26.87
N PRO A 144 6.98 -17.70 -25.91
CA PRO A 144 6.03 -16.64 -26.29
C PRO A 144 6.56 -15.87 -27.52
N ASN A 145 5.69 -15.32 -28.30
CA ASN A 145 6.02 -14.44 -29.40
C ASN A 145 7.20 -13.52 -29.04
N GLY A 146 8.18 -13.50 -29.93
CA GLY A 146 9.35 -12.62 -29.82
C GLY A 146 10.40 -13.00 -28.81
N MET A 147 10.22 -14.08 -28.04
CA MET A 147 11.11 -14.47 -26.97
C MET A 147 11.82 -15.78 -27.28
N GLU A 148 12.87 -16.04 -26.52
CA GLU A 148 13.76 -17.14 -26.84
C GLU A 148 13.28 -18.49 -26.31
N HIS A 149 12.75 -18.54 -25.09
CA HIS A 149 12.42 -19.76 -24.43
C HIS A 149 10.97 -19.80 -23.97
N ALA A 150 10.45 -21.02 -23.86
CA ALA A 150 9.20 -21.24 -23.18
C ALA A 150 9.19 -20.55 -21.83
N ALA A 151 8.07 -19.90 -21.50
CA ALA A 151 7.94 -19.18 -20.22
C ALA A 151 7.27 -20.05 -19.18
N PRO A 152 7.71 -19.96 -17.92
CA PRO A 152 7.13 -20.74 -16.86
C PRO A 152 6.04 -19.96 -16.20
N LEU A 153 4.83 -20.28 -16.62
CA LEU A 153 3.62 -19.56 -16.23
C LEU A 153 2.63 -20.54 -15.72
N HIS A 154 1.65 -20.04 -14.94
CA HIS A 154 0.42 -20.70 -14.62
C HIS A 154 -0.75 -19.86 -14.92
N TYR A 155 -1.91 -20.45 -15.10
CA TYR A 155 -3.06 -19.74 -15.67
C TYR A 155 -4.24 -19.90 -14.77
N SER A 156 -5.11 -18.92 -14.78
CA SER A 156 -6.35 -19.04 -14.10
C SER A 156 -7.46 -18.27 -14.76
N VAL A 157 -8.65 -18.72 -14.52
CA VAL A 157 -9.89 -18.18 -15.05
C VAL A 157 -10.85 -17.93 -13.90
N VAL A 158 -11.44 -16.73 -13.77
CA VAL A 158 -12.40 -16.41 -12.74
C VAL A 158 -13.60 -15.82 -13.44
N ASP A 159 -14.80 -16.28 -13.18
CA ASP A 159 -15.97 -15.76 -13.83
C ASP A 159 -16.81 -14.90 -12.88
N ALA A 160 -17.81 -14.23 -13.45
CA ALA A 160 -18.57 -13.31 -12.63
C ALA A 160 -19.39 -13.95 -11.49
N ASP A 161 -19.61 -15.27 -11.57
CA ASP A 161 -20.24 -15.97 -10.47
C ASP A 161 -19.22 -16.59 -9.52
N GLY A 162 -17.97 -16.12 -9.58
CA GLY A 162 -16.90 -16.60 -8.65
C GLY A 162 -16.41 -18.02 -8.86
N ASN A 163 -16.57 -18.58 -10.06
CA ASN A 163 -16.06 -19.93 -10.29
C ASN A 163 -14.63 -19.77 -10.80
N ILE A 164 -13.72 -20.42 -10.15
CA ILE A 164 -12.29 -20.32 -10.45
C ILE A 164 -11.74 -21.63 -11.03
N MET A 165 -10.85 -21.52 -11.98
CA MET A 165 -10.11 -22.65 -12.54
C MET A 165 -8.65 -22.31 -12.50
N LEU A 166 -7.78 -23.14 -11.92
CA LEU A 166 -6.32 -22.95 -12.01
C LEU A 166 -5.74 -24.03 -12.91
N ILE A 167 -4.86 -23.69 -13.80
CA ILE A 167 -4.20 -24.59 -14.76
C ILE A 167 -2.69 -24.56 -14.53
N GLN A 168 -2.07 -25.65 -14.10
CA GLN A 168 -0.64 -25.69 -13.86
C GLN A 168 -0.01 -26.81 -14.54
N LEU A 169 1.25 -26.67 -14.92
CA LEU A 169 2.10 -27.73 -15.58
C LEU A 169 2.96 -28.29 -14.52
N VAL A 170 2.71 -29.56 -14.17
CA VAL A 170 3.29 -30.26 -13.08
C VAL A 170 4.29 -31.36 -13.52
N LYS A 171 4.85 -32.07 -12.52
CA LYS A 171 6.00 -32.98 -12.83
C LYS A 171 5.68 -33.94 -13.97
N GLY A 172 6.61 -34.15 -14.82
CA GLY A 172 6.43 -35.02 -15.96
C GLY A 172 5.72 -34.33 -17.15
N GLY A 173 5.40 -33.03 -17.01
CA GLY A 173 4.73 -32.27 -18.05
C GLY A 173 3.25 -32.41 -18.10
N GLU A 174 2.66 -32.98 -17.04
CA GLU A 174 1.20 -33.18 -17.00
C GLU A 174 0.52 -31.85 -16.69
N GLN A 175 -0.65 -31.69 -17.28
CA GLN A 175 -1.45 -30.46 -17.06
C GLN A 175 -2.48 -30.77 -15.99
N LYS A 176 -2.48 -30.07 -14.87
CA LYS A 176 -3.32 -30.32 -13.75
C LYS A 176 -4.32 -29.14 -13.69
N ILE A 177 -5.61 -29.40 -13.58
CA ILE A 177 -6.65 -28.36 -13.48
C ILE A 177 -7.26 -28.46 -12.11
N TYR A 178 -7.40 -27.37 -11.36
CA TYR A 178 -8.07 -27.34 -10.12
C TYR A 178 -9.30 -26.45 -10.29
N LEU A 179 -10.38 -26.82 -9.68
CA LEU A 179 -11.62 -26.07 -9.66
C LEU A 179 -12.04 -25.73 -8.27
N GLY A 180 -12.59 -24.51 -8.05
CA GLY A 180 -13.16 -24.16 -6.84
C GLY A 180 -13.87 -22.82 -6.90
N ASP A 181 -14.54 -22.43 -5.86
CA ASP A 181 -15.22 -21.13 -5.87
C ASP A 181 -14.45 -20.07 -5.13
N ALA A 182 -15.02 -18.88 -5.13
CA ALA A 182 -14.27 -17.74 -4.57
C ALA A 182 -14.18 -17.70 -3.08
N GLU A 183 -14.76 -18.67 -2.38
CA GLU A 183 -14.47 -18.86 -1.03
C GLU A 183 -13.38 -19.87 -0.74
N SER A 184 -12.93 -20.63 -1.73
CA SER A 184 -11.94 -21.62 -1.56
C SER A 184 -10.55 -21.05 -1.55
N ASP A 185 -9.54 -21.86 -1.28
CA ASP A 185 -8.16 -21.38 -1.33
C ASP A 185 -7.67 -20.99 -2.72
N LEU A 186 -8.43 -21.32 -3.78
CA LEU A 186 -8.09 -20.97 -5.10
C LEU A 186 -8.37 -19.45 -5.33
N ARG A 187 -9.03 -18.82 -4.38
CA ARG A 187 -9.15 -17.37 -4.47
C ARG A 187 -7.87 -16.65 -4.41
N VAL A 188 -6.82 -17.27 -3.89
CA VAL A 188 -5.48 -16.69 -3.86
C VAL A 188 -4.59 -17.43 -4.84
N LYS A 189 -3.80 -16.73 -5.66
CA LYS A 189 -2.80 -17.35 -6.54
C LYS A 189 -1.59 -16.45 -6.52
N THR A 190 -0.38 -17.06 -6.44
CA THR A 190 0.84 -16.26 -6.44
C THR A 190 1.73 -16.88 -7.48
N ASN A 191 2.95 -17.30 -7.06
CA ASN A 191 4.00 -17.80 -7.89
C ASN A 191 4.40 -19.20 -7.30
N ASP A 192 5.67 -19.61 -7.57
CA ASP A 192 6.19 -20.85 -6.99
C ASP A 192 6.07 -20.91 -5.53
N PRO A 193 5.84 -22.09 -4.92
CA PRO A 193 5.84 -23.43 -5.57
C PRO A 193 4.51 -23.76 -6.18
N LEU A 194 4.34 -25.00 -6.62
CA LEU A 194 3.10 -25.40 -7.24
C LEU A 194 2.02 -25.58 -6.19
N GLN A 195 0.76 -25.71 -6.63
CA GLN A 195 -0.32 -25.57 -5.67
C GLN A 195 -0.34 -26.62 -4.55
N GLU A 196 0.13 -27.80 -4.88
CA GLU A 196 0.15 -28.86 -3.90
C GLU A 196 1.03 -28.50 -2.74
N LYS A 197 2.16 -27.86 -3.07
CA LYS A 197 3.09 -27.43 -2.02
C LYS A 197 2.61 -26.28 -1.20
N HIS A 198 1.94 -25.32 -1.85
CA HIS A 198 1.28 -24.29 -1.04
C HIS A 198 0.30 -24.89 -0.08
N ARG A 199 -0.49 -25.90 -0.53
CA ARG A 199 -1.51 -26.51 0.35
C ARG A 199 -0.88 -27.20 1.52
N GLU A 200 0.24 -27.88 1.24
CA GLU A 200 1.01 -28.52 2.32
C GLU A 200 1.52 -27.53 3.33
N TYR A 201 2.10 -26.41 2.87
CA TYR A 201 2.56 -25.38 3.74
C TYR A 201 1.49 -24.80 4.59
N MET A 202 0.28 -24.63 4.04
CA MET A 202 -0.80 -24.03 4.77
C MET A 202 -1.38 -24.87 5.87
N GLN A 203 -1.13 -26.20 5.80
CA GLN A 203 -1.67 -27.03 6.90
C GLN A 203 -1.26 -26.64 8.29
N GLN A 204 -0.10 -26.07 8.44
CA GLN A 204 0.35 -25.62 9.76
C GLN A 204 -0.39 -24.41 10.36
N PHE A 205 -1.18 -23.69 9.55
CA PHE A 205 -1.74 -22.43 10.05
C PHE A 205 -3.26 -22.60 10.18
N ASP A 206 -3.79 -22.11 11.29
CA ASP A 206 -5.19 -22.10 11.52
C ASP A 206 -5.73 -20.71 11.07
N LEU A 207 -6.37 -20.67 9.92
CA LEU A 207 -6.85 -19.42 9.34
C LEU A 207 -7.96 -18.83 10.18
N LYS A 208 -8.65 -19.61 11.02
CA LYS A 208 -9.71 -19.01 11.86
C LYS A 208 -9.20 -18.14 12.97
N ASP A 209 -7.90 -18.23 13.30
CA ASP A 209 -7.31 -17.42 14.34
C ASP A 209 -7.06 -16.02 13.70
N PRO A 210 -7.67 -15.01 14.27
CA PRO A 210 -7.44 -13.67 13.67
C PRO A 210 -6.06 -13.11 13.89
N SER A 211 -5.24 -13.72 14.73
CA SER A 211 -3.87 -13.34 14.87
C SER A 211 -2.98 -14.18 14.04
N VAL A 212 -3.52 -15.09 13.20
CA VAL A 212 -2.65 -15.98 12.45
C VAL A 212 -1.61 -15.37 11.51
N ALA A 213 -1.92 -14.16 10.96
CA ALA A 213 -0.94 -13.55 10.03
C ALA A 213 0.34 -13.23 10.78
N THR A 214 0.20 -13.00 12.10
CA THR A 214 1.38 -12.66 12.91
C THR A 214 2.27 -13.86 13.23
N LYS A 215 1.79 -15.10 12.95
CA LYS A 215 2.49 -16.33 13.12
C LYS A 215 3.10 -16.87 11.80
N MET A 216 2.93 -16.12 10.71
CA MET A 216 3.45 -16.51 9.44
C MET A 216 4.73 -15.79 9.10
N PRO A 217 5.72 -16.51 8.58
CA PRO A 217 6.95 -15.88 8.07
C PRO A 217 6.62 -14.96 6.94
N TRP A 218 7.31 -13.82 6.88
CA TRP A 218 7.23 -12.88 5.80
C TRP A 218 8.39 -13.07 4.86
N SER A 219 8.11 -12.95 3.59
CA SER A 219 9.07 -12.86 2.56
C SER A 219 8.42 -12.21 1.32
N ILE A 220 9.20 -12.02 0.28
CA ILE A 220 8.69 -11.55 -1.01
C ILE A 220 8.33 -12.76 -1.93
N GLY A 221 8.60 -13.98 -1.45
CA GLY A 221 8.32 -15.16 -2.21
C GLY A 221 6.84 -15.50 -2.34
N GLY A 222 6.55 -16.27 -3.36
CA GLY A 222 5.16 -16.70 -3.59
C GLY A 222 4.59 -17.45 -2.44
N LEU A 223 5.38 -18.25 -1.76
CA LEU A 223 4.91 -19.03 -0.68
C LEU A 223 4.32 -18.18 0.46
N GLU A 224 5.08 -17.15 0.85
CA GLU A 224 4.68 -16.34 1.94
C GLU A 224 3.54 -15.39 1.50
N ARG A 225 3.57 -14.90 0.27
CA ARG A 225 2.44 -14.10 -0.21
C ARG A 225 1.14 -14.87 -0.26
N ASN A 226 1.23 -16.15 -0.66
CA ASN A 226 -0.01 -16.98 -0.63
C ASN A 226 -0.59 -17.10 0.71
N SER A 227 0.27 -17.44 1.70
CA SER A 227 -0.20 -17.63 3.03
C SER A 227 -0.83 -16.40 3.70
N ARG A 228 -0.19 -15.25 3.44
CA ARG A 228 -0.64 -14.02 4.04
C ARG A 228 -1.93 -13.50 3.36
N LEU A 229 -2.05 -13.68 2.04
CA LEU A 229 -3.31 -13.31 1.39
C LEU A 229 -4.46 -14.14 1.88
N LEU A 230 -4.20 -15.46 2.08
CA LEU A 230 -5.24 -16.31 2.63
C LEU A 230 -5.65 -15.90 4.05
N ALA A 231 -4.62 -15.61 4.85
CA ALA A 231 -4.94 -15.17 6.21
C ALA A 231 -5.73 -13.84 6.28
N MET A 232 -5.22 -12.81 5.57
CA MET A 232 -5.73 -11.50 5.71
C MET A 232 -7.16 -11.38 5.05
N SER A 233 -7.36 -12.17 3.97
CA SER A 233 -8.68 -12.18 3.38
C SER A 233 -9.69 -12.91 4.21
N THR A 234 -9.26 -13.80 5.09
CA THR A 234 -10.22 -14.65 5.82
C THR A 234 -10.89 -13.71 6.84
N HIS A 235 -10.17 -12.71 7.37
CA HIS A 235 -10.72 -11.81 8.41
C HIS A 235 -11.10 -10.45 7.89
N MET A 236 -11.19 -10.28 6.58
CA MET A 236 -11.68 -9.07 6.05
C MET A 236 -13.23 -9.04 6.24
N ASP A 237 -13.68 -7.94 6.85
CA ASP A 237 -15.05 -7.79 7.22
C ASP A 237 -15.68 -6.62 6.42
N LEU A 238 -16.53 -6.99 5.48
CA LEU A 238 -17.04 -6.03 4.49
C LEU A 238 -18.43 -5.55 4.85
N GLU A 239 -18.99 -6.01 5.95
CA GLU A 239 -20.36 -5.64 6.34
C GLU A 239 -20.44 -4.17 6.61
N GLY A 240 -21.52 -3.54 6.12
CA GLY A 240 -21.72 -2.16 6.44
C GLY A 240 -20.97 -1.13 5.62
N LEU A 241 -20.13 -1.60 4.72
CA LEU A 241 -19.32 -0.69 3.94
C LEU A 241 -20.01 -0.23 2.68
N SER A 242 -19.75 0.97 2.25
CA SER A 242 -20.19 1.47 0.95
C SER A 242 -19.42 0.72 -0.14
N TYR A 243 -19.77 0.95 -1.38
CA TYR A 243 -18.98 0.33 -2.51
C TYR A 243 -17.55 0.89 -2.54
N THR A 244 -17.35 2.22 -2.50
CA THR A 244 -16.01 2.77 -2.44
C THR A 244 -15.26 2.15 -1.30
N GLU A 245 -15.82 2.12 -0.09
CA GLU A 245 -15.15 1.56 1.08
C GLU A 245 -14.75 0.07 0.84
N THR A 246 -15.59 -0.67 0.15
CA THR A 246 -15.37 -2.08 -0.06
C THR A 246 -14.17 -2.31 -1.04
N VAL A 247 -14.17 -1.53 -2.11
CA VAL A 247 -13.05 -1.56 -3.06
C VAL A 247 -11.78 -1.25 -2.30
N ALA A 248 -11.80 -0.16 -1.50
CA ALA A 248 -10.61 0.20 -0.77
C ALA A 248 -10.17 -0.82 0.24
N ARG A 249 -11.14 -1.48 0.87
CA ARG A 249 -10.79 -2.45 1.88
C ARG A 249 -10.08 -3.62 1.23
N GLN A 250 -10.55 -4.02 0.08
CA GLN A 250 -9.83 -5.06 -0.62
C GLN A 250 -8.44 -4.62 -1.00
N LYS A 251 -8.33 -3.38 -1.55
CA LYS A 251 -7.01 -2.89 -1.97
C LYS A 251 -6.01 -2.90 -0.84
N GLY A 252 -6.39 -2.28 0.26
CA GLY A 252 -5.48 -2.14 1.35
C GLY A 252 -5.05 -3.40 2.01
N THR A 253 -6.03 -4.33 2.16
CA THR A 253 -5.79 -5.64 2.69
C THR A 253 -4.81 -6.43 1.79
N PHE A 254 -5.07 -6.37 0.51
CA PHE A 254 -4.21 -7.00 -0.52
C PHE A 254 -2.87 -6.37 -0.41
N ASP A 255 -2.75 -5.07 -0.40
CA ASP A 255 -1.43 -4.47 -0.32
C ASP A 255 -0.61 -4.90 0.88
N ALA A 256 -1.22 -4.91 2.06
CA ALA A 256 -0.56 -5.35 3.27
C ALA A 256 -0.06 -6.80 3.08
N ALA A 257 -0.85 -7.68 2.45
CA ALA A 257 -0.42 -9.07 2.27
C ALA A 257 0.60 -9.26 1.23
N ALA A 258 0.59 -8.51 0.14
CA ALA A 258 1.25 -8.93 -1.08
C ALA A 258 1.89 -7.84 -1.95
N LEU A 259 1.83 -6.55 -1.59
CA LEU A 259 2.53 -5.55 -2.40
C LEU A 259 4.00 -5.74 -2.16
N VAL A 260 4.82 -5.94 -3.14
CA VAL A 260 6.29 -6.17 -2.94
C VAL A 260 7.03 -4.86 -3.16
N PRO A 261 7.83 -4.47 -2.17
CA PRO A 261 8.54 -3.21 -2.30
C PRO A 261 9.82 -3.44 -3.06
N PHE A 262 10.33 -2.31 -3.59
CA PHE A 262 11.68 -2.28 -4.16
C PHE A 262 12.69 -2.54 -3.09
N GLY A 263 13.79 -3.10 -3.55
CA GLY A 263 15.06 -3.21 -2.77
C GLY A 263 15.18 -4.43 -1.91
N VAL A 264 14.09 -5.07 -1.52
CA VAL A 264 14.18 -6.29 -0.73
C VAL A 264 14.61 -7.45 -1.65
N GLN A 265 15.65 -8.21 -1.23
CA GLN A 265 16.11 -9.33 -2.00
C GLN A 265 15.64 -10.63 -1.38
N ASP A 266 15.22 -11.54 -2.22
CA ASP A 266 14.79 -12.91 -1.81
C ASP A 266 16.04 -13.77 -1.63
N PRO A 267 16.32 -14.24 -0.40
CA PRO A 267 17.51 -15.15 -0.36
C PRO A 267 17.43 -16.41 -1.22
N LYS A 268 16.22 -16.90 -1.51
CA LYS A 268 16.04 -18.08 -2.40
C LYS A 268 16.40 -17.83 -3.88
N THR A 269 16.38 -16.57 -4.36
CA THR A 269 16.71 -16.24 -5.75
C THR A 269 17.97 -15.34 -5.93
N GLY A 270 18.39 -14.68 -4.83
CA GLY A 270 19.34 -13.57 -4.87
C GLY A 270 18.92 -12.36 -5.69
N GLU A 271 17.60 -12.22 -5.91
CA GLU A 271 17.05 -11.14 -6.71
C GLU A 271 15.88 -10.52 -5.96
N ASP A 272 15.54 -9.32 -6.42
CA ASP A 272 14.32 -8.64 -5.89
C ASP A 272 13.09 -9.03 -6.72
N TYR A 273 11.95 -8.46 -6.40
CA TYR A 273 10.73 -8.80 -7.17
C TYR A 273 9.64 -7.80 -7.02
N PRO A 274 9.96 -6.49 -7.18
CA PRO A 274 8.96 -5.48 -6.80
C PRO A 274 7.68 -5.56 -7.66
N SER A 275 6.62 -5.07 -7.08
CA SER A 275 5.39 -4.79 -7.80
C SER A 275 5.52 -3.52 -8.60
N PHE A 276 5.14 -3.60 -9.87
CA PHE A 276 5.20 -2.55 -10.86
C PHE A 276 3.86 -1.92 -11.14
N PHE A 277 2.80 -2.72 -11.28
CA PHE A 277 1.49 -2.22 -11.47
C PHE A 277 0.45 -3.16 -10.96
N SER A 278 -0.77 -2.69 -10.71
CA SER A 278 -1.88 -3.55 -10.27
C SER A 278 -3.17 -3.23 -10.91
N MET A 279 -4.09 -4.20 -10.91
CA MET A 279 -5.38 -3.98 -11.53
C MET A 279 -6.38 -4.49 -10.52
N GLN A 280 -7.49 -3.81 -10.41
CA GLN A 280 -8.65 -4.22 -9.63
C GLN A 280 -9.87 -4.23 -10.52
N TYR A 281 -10.68 -5.29 -10.49
CA TYR A 281 -11.85 -5.47 -11.32
C TYR A 281 -13.04 -5.71 -10.46
N ASN A 282 -14.20 -5.17 -10.82
CA ASN A 282 -15.49 -5.70 -10.38
C ASN A 282 -16.03 -6.50 -11.60
N LEU A 283 -16.06 -7.81 -11.47
CA LEU A 283 -16.49 -8.63 -12.59
C LEU A 283 -17.93 -8.58 -12.84
N ASP A 284 -18.72 -8.13 -11.89
CA ASP A 284 -20.12 -8.01 -12.16
C ASP A 284 -20.51 -6.77 -12.88
N ASN A 285 -19.72 -5.69 -12.87
CA ASN A 285 -20.20 -4.43 -13.45
C ASN A 285 -19.28 -3.73 -14.39
N GLY A 286 -18.11 -4.32 -14.68
CA GLY A 286 -17.22 -3.75 -15.59
C GLY A 286 -16.20 -2.69 -15.09
N ASP A 287 -16.29 -2.38 -13.83
CA ASP A 287 -15.37 -1.42 -13.25
C ASP A 287 -13.96 -1.99 -13.25
N ILE A 288 -13.00 -1.14 -13.58
CA ILE A 288 -11.58 -1.45 -13.62
C ILE A 288 -10.76 -0.34 -13.02
N TRP A 289 -9.79 -0.66 -12.14
CA TRP A 289 -8.85 0.33 -11.63
C TRP A 289 -7.46 -0.10 -12.07
N PHE A 290 -6.68 0.77 -12.70
CA PHE A 290 -5.28 0.46 -13.06
C PHE A 290 -4.44 1.38 -12.25
N ARG A 291 -3.50 0.78 -11.50
CA ARG A 291 -2.56 1.58 -10.65
C ARG A 291 -1.12 1.24 -11.03
N SER A 292 -0.35 2.32 -11.17
CA SER A 292 1.08 2.19 -11.33
C SER A 292 1.78 2.39 -10.01
N LEU A 293 2.59 1.45 -9.59
CA LEU A 293 3.39 1.58 -8.38
C LEU A 293 4.59 2.46 -8.66
N MET A 294 4.99 2.66 -9.92
CA MET A 294 6.08 3.57 -10.21
C MET A 294 5.76 5.03 -9.96
N SER A 295 4.54 5.48 -10.21
CA SER A 295 4.10 6.82 -9.90
C SER A 295 3.15 6.94 -8.79
N GLY A 296 2.63 5.82 -8.27
CA GLY A 296 1.64 5.88 -7.29
C GLY A 296 0.22 6.24 -7.74
N LYS A 297 0.00 6.40 -9.00
CA LYS A 297 -1.24 6.96 -9.50
C LYS A 297 -2.10 5.81 -10.01
N GLU A 298 -3.39 6.12 -10.05
CA GLU A 298 -4.42 5.16 -10.36
C GLU A 298 -5.52 5.87 -11.22
N ILE A 299 -6.04 5.11 -12.23
CA ILE A 299 -7.25 5.56 -12.90
C ILE A 299 -8.36 4.53 -12.79
N LYS A 300 -9.58 4.97 -12.74
CA LYS A 300 -10.79 4.14 -12.75
C LYS A 300 -11.52 4.37 -14.05
N PHE A 301 -11.91 3.23 -14.66
CA PHE A 301 -12.69 3.25 -15.86
C PHE A 301 -13.65 2.04 -15.87
N ASN A 302 -14.33 1.82 -17.03
CA ASN A 302 -15.24 0.67 -17.14
C ASN A 302 -15.11 0.08 -18.54
N LEU A 303 -15.17 -1.21 -18.64
CA LEU A 303 -15.13 -1.86 -19.94
C LEU A 303 -16.20 -1.32 -20.87
N GLU A 304 -17.34 -1.01 -20.36
CA GLU A 304 -18.42 -0.51 -21.24
C GLU A 304 -18.02 0.74 -22.00
N ASP A 305 -17.09 1.52 -21.45
CA ASP A 305 -16.55 2.77 -22.01
C ASP A 305 -15.80 2.46 -23.36
N THR A 306 -15.54 1.18 -23.68
CA THR A 306 -14.80 0.82 -24.83
C THR A 306 -15.66 0.09 -25.83
N LYS A 307 -16.92 -0.15 -25.57
CA LYS A 307 -17.81 -0.76 -26.56
C LYS A 307 -18.02 0.12 -27.81
N GLN A 308 -17.77 1.39 -27.70
CA GLN A 308 -17.88 2.26 -28.83
C GLN A 308 -16.96 1.92 -29.95
N PHE A 309 -15.83 1.32 -29.65
CA PHE A 309 -14.80 1.08 -30.66
C PHE A 309 -15.12 -0.08 -31.58
N LYS A 310 -15.06 0.18 -32.88
CA LYS A 310 -15.46 -0.85 -33.85
C LYS A 310 -14.28 -1.57 -34.41
N THR A 311 -13.07 -1.17 -34.12
CA THR A 311 -11.85 -1.80 -34.54
C THR A 311 -10.89 -1.84 -33.32
N PRO A 312 -9.81 -2.65 -33.37
CA PRO A 312 -8.96 -2.78 -32.21
C PRO A 312 -8.30 -1.45 -31.91
N MET A 313 -8.14 -1.24 -30.60
CA MET A 313 -7.52 -0.05 -30.07
C MET A 313 -6.37 -0.44 -29.15
N HIS A 314 -5.52 0.51 -28.83
CA HIS A 314 -4.40 0.22 -27.97
C HIS A 314 -4.08 1.49 -27.14
N ALA A 315 -3.57 1.31 -25.95
CA ALA A 315 -3.09 2.44 -25.07
C ALA A 315 -1.88 1.99 -24.25
N ASP A 316 -0.86 2.86 -24.19
CA ASP A 316 0.26 2.71 -23.27
C ASP A 316 -0.22 3.11 -21.89
N ILE A 317 -1.07 2.31 -21.25
CA ILE A 317 -1.82 2.77 -20.09
C ILE A 317 -0.93 3.16 -18.92
N MET A 318 0.10 2.35 -18.67
CA MET A 318 1.01 2.63 -17.57
C MET A 318 1.72 3.94 -17.78
N ALA A 319 2.24 4.14 -18.96
CA ALA A 319 2.97 5.37 -19.28
C ALA A 319 2.00 6.51 -19.05
N GLN A 320 0.77 6.43 -19.51
CA GLN A 320 -0.19 7.52 -19.37
C GLN A 320 -0.54 7.80 -17.96
N VAL A 321 -0.78 6.76 -17.13
CA VAL A 321 -1.11 6.99 -15.77
C VAL A 321 0.11 7.66 -15.08
N ASP A 322 1.29 7.26 -15.41
CA ASP A 322 2.53 7.84 -14.82
C ASP A 322 2.68 9.29 -15.14
N LYS A 323 2.07 9.73 -16.23
CA LYS A 323 2.18 11.18 -16.62
C LYS A 323 1.08 11.95 -16.04
N GLY A 324 0.22 11.37 -15.23
CA GLY A 324 -0.87 11.97 -14.57
C GLY A 324 -2.23 11.99 -15.34
N ALA A 325 -2.35 11.17 -16.39
CA ALA A 325 -3.63 11.05 -17.12
C ALA A 325 -4.76 10.66 -16.21
N GLN A 326 -5.93 11.23 -16.42
CA GLN A 326 -7.11 10.80 -15.74
C GLN A 326 -8.00 10.01 -16.60
N THR A 327 -7.74 10.01 -17.92
CA THR A 327 -8.55 9.19 -18.83
C THR A 327 -7.58 8.66 -19.87
N ILE A 328 -7.99 7.52 -20.41
CA ILE A 328 -7.18 6.79 -21.35
C ILE A 328 -7.24 7.47 -22.72
N THR A 329 -6.09 7.72 -23.34
CA THR A 329 -6.05 8.16 -24.75
C THR A 329 -5.81 6.95 -25.59
N TRP A 330 -6.80 6.55 -26.31
CA TRP A 330 -6.73 5.35 -27.18
C TRP A 330 -6.18 5.67 -28.56
N SER A 331 -5.41 4.76 -29.14
CA SER A 331 -4.89 4.79 -30.47
C SER A 331 -5.44 3.66 -31.23
N LYS A 332 -5.59 3.79 -32.51
CA LYS A 332 -5.93 2.60 -33.34
C LYS A 332 -4.72 1.72 -33.23
N MET A 333 -4.93 0.39 -33.30
CA MET A 333 -3.81 -0.53 -33.15
C MET A 333 -2.62 -0.29 -34.19
N CYS B 1 0.88 3.54 14.67
CA CYS B 1 1.26 4.81 14.07
C CYS B 1 2.67 4.57 13.68
N SER B 2 2.97 4.98 12.46
CA SER B 2 4.36 4.91 12.08
C SER B 2 4.79 6.14 11.34
N ARG B 3 6.11 6.40 11.38
CA ARG B 3 6.62 7.62 10.70
C ARG B 3 7.99 7.33 10.11
N LEU B 4 8.22 7.73 8.90
CA LEU B 4 9.47 7.59 8.21
C LEU B 4 9.89 8.97 7.66
N VAL B 5 11.17 9.28 7.80
CA VAL B 5 11.84 10.41 7.12
C VAL B 5 12.82 9.82 6.11
N THR B 6 12.82 10.39 4.92
CA THR B 6 13.70 9.94 3.85
C THR B 6 14.33 11.27 3.23
N GLU B 7 15.66 11.30 3.23
CA GLU B 7 16.34 12.28 2.44
C GLU B 7 16.27 11.96 0.93
N THR B 8 15.93 12.99 0.13
CA THR B 8 15.89 12.82 -1.33
C THR B 8 16.47 14.05 -1.99
N GLN B 9 16.82 13.89 -3.27
CA GLN B 9 17.29 15.05 -4.02
C GLN B 9 16.29 16.13 -4.25
N TYR B 10 14.98 15.87 -3.99
CA TYR B 10 14.00 16.80 -4.12
C TYR B 10 13.48 17.44 -2.83
N GLY B 11 14.07 17.04 -1.68
CA GLY B 11 13.64 17.42 -0.38
C GLY B 11 13.61 16.31 0.62
N THR B 12 13.43 16.73 1.83
CA THR B 12 13.24 15.85 2.95
C THR B 12 11.76 15.43 2.98
N MET B 13 11.54 14.12 2.84
CA MET B 13 10.19 13.60 2.74
C MET B 13 9.82 12.86 4.02
N LEU B 14 8.62 13.12 4.51
CA LEU B 14 8.14 12.48 5.76
C LEU B 14 6.78 11.88 5.51
N MET B 15 6.58 10.60 5.94
CA MET B 15 5.35 9.93 5.80
C MET B 15 4.92 9.40 7.17
N ARG B 16 3.65 9.53 7.48
CA ARG B 16 3.13 9.14 8.78
C ARG B 16 1.73 8.58 8.63
N THR B 17 1.49 7.44 9.29
CA THR B 17 0.19 6.90 9.42
C THR B 17 -0.40 7.13 10.80
N ALA B 18 -1.73 7.27 10.88
CA ALA B 18 -2.54 7.34 12.09
C ALA B 18 -3.30 6.03 12.18
N ASP B 19 -2.96 5.21 13.21
CA ASP B 19 -3.51 3.85 13.38
C ASP B 19 -4.21 3.91 14.73
N TRP B 20 -5.28 3.08 14.87
CA TRP B 20 -5.92 2.93 16.19
C TRP B 20 -6.78 1.69 16.13
N VAL B 21 -7.35 1.35 17.28
CA VAL B 21 -8.28 0.20 17.34
C VAL B 21 -9.53 0.47 16.53
N SER B 22 -10.07 -0.54 15.83
CA SER B 22 -11.23 -0.34 14.94
C SER B 22 -12.51 0.02 15.65
N THR B 23 -12.52 -0.21 16.94
CA THR B 23 -13.64 0.19 17.83
C THR B 23 -13.79 1.64 18.11
N ALA B 24 -12.76 2.40 17.80
CA ALA B 24 -12.80 3.86 18.02
C ALA B 24 -12.14 4.52 16.81
N PRO B 25 -12.80 4.53 15.66
CA PRO B 25 -12.19 5.03 14.41
C PRO B 25 -11.76 6.45 14.46
N PHE B 26 -10.58 6.67 13.87
CA PHE B 26 -10.08 8.03 13.76
C PHE B 26 -10.85 8.84 12.75
N ASP B 27 -10.68 10.15 12.84
CA ASP B 27 -11.35 11.15 12.00
C ASP B 27 -10.42 12.37 12.00
N GLY B 28 -9.63 12.47 10.95
CA GLY B 28 -8.68 13.57 10.85
C GLY B 28 -9.28 14.83 10.33
N HIS B 29 -8.93 15.93 11.04
CA HIS B 29 -9.24 17.32 10.65
C HIS B 29 -8.00 18.15 10.53
N MET B 30 -8.12 19.35 9.91
CA MET B 30 -6.92 20.25 9.79
C MET B 30 -7.35 21.62 10.30
N SER B 31 -6.43 22.27 11.01
CA SER B 31 -6.57 23.68 11.34
C SER B 31 -5.40 24.45 10.79
N VAL B 32 -5.59 25.71 10.35
CA VAL B 32 -4.48 26.57 9.91
C VAL B 32 -4.45 27.81 10.82
N PHE B 33 -3.21 28.10 11.32
CA PHE B 33 -2.99 29.24 12.23
C PHE B 33 -2.04 30.15 11.47
N PRO B 34 -2.53 31.37 10.99
CA PRO B 34 -1.67 32.28 10.31
C PRO B 34 -0.77 33.05 11.23
N VAL B 35 0.27 33.60 10.59
CA VAL B 35 1.19 34.49 11.33
C VAL B 35 0.37 35.57 12.09
N GLY B 36 0.81 35.80 13.31
CA GLY B 36 0.25 36.80 14.20
C GLY B 36 -0.97 36.51 14.94
N THR B 37 -1.56 35.29 14.72
CA THR B 37 -2.67 34.88 15.53
C THR B 37 -2.40 34.89 16.99
N GLU B 38 -3.35 35.46 17.78
CA GLU B 38 -3.35 35.38 19.23
C GLU B 38 -4.05 34.10 19.60
N ARG B 39 -3.27 33.18 20.13
CA ARG B 39 -3.71 31.84 20.47
C ARG B 39 -3.95 31.63 21.90
N THR B 40 -5.01 30.88 22.19
CA THR B 40 -5.38 30.50 23.55
C THR B 40 -5.29 28.99 23.65
N MET B 41 -4.56 28.52 24.62
CA MET B 41 -4.38 27.09 24.83
C MET B 41 -5.71 26.43 25.16
N ARG B 42 -5.94 25.28 24.53
CA ARG B 42 -7.03 24.38 24.91
C ARG B 42 -6.66 23.52 26.14
N GLY B 43 -7.62 23.36 27.06
CA GLY B 43 -7.45 22.49 28.25
C GLY B 43 -6.76 23.16 29.38
N GLN B 44 -6.49 22.40 30.41
CA GLN B 44 -5.85 22.91 31.61
C GLN B 44 -4.54 22.12 31.80
N VAL B 45 -3.63 22.66 32.60
CA VAL B 45 -2.39 22.03 33.00
C VAL B 45 -2.18 22.22 34.51
N ALA B 46 -3.23 21.85 35.25
CA ALA B 46 -3.31 22.21 36.70
C ALA B 46 -2.23 21.54 37.54
N GLU B 47 -1.71 20.41 37.06
CA GLU B 47 -0.53 19.78 37.60
C GLU B 47 0.77 20.61 37.60
N TYR B 48 0.87 21.67 36.80
CA TYR B 48 2.06 22.44 36.65
C TYR B 48 1.80 23.83 37.22
N GLN B 49 2.84 24.49 37.62
CA GLN B 49 2.70 25.80 38.32
C GLN B 49 2.40 26.93 37.36
N GLN B 50 2.96 26.86 36.13
CA GLN B 50 2.78 27.89 35.11
C GLN B 50 2.21 27.28 33.84
N ALA B 51 1.15 27.88 33.29
CA ALA B 51 0.51 27.47 32.07
C ALA B 51 0.90 28.35 30.90
N MET B 52 1.04 27.72 29.73
CA MET B 52 1.17 28.51 28.46
C MET B 52 -0.22 28.94 27.98
N THR B 53 -0.84 29.82 28.77
CA THR B 53 -2.19 30.19 28.50
C THR B 53 -2.44 30.78 27.12
N LYS B 54 -1.52 31.67 26.73
CA LYS B 54 -1.53 32.41 25.48
C LYS B 54 -0.17 32.38 24.83
N TRP B 55 -0.17 32.55 23.50
CA TRP B 55 1.03 32.70 22.68
C TRP B 55 0.57 33.38 21.40
N GLN B 56 1.54 33.74 20.61
CA GLN B 56 1.34 34.30 19.31
C GLN B 56 1.93 33.39 18.25
N THR B 57 1.22 33.15 17.15
CA THR B 57 1.85 32.37 16.07
C THR B 57 2.97 33.17 15.42
N LYS B 58 4.16 32.63 15.37
CA LYS B 58 5.25 33.16 14.61
C LYS B 58 5.33 32.66 13.18
N TYR B 59 5.09 31.35 13.03
CA TYR B 59 5.22 30.69 11.71
C TYR B 59 3.86 30.12 11.35
N HIS B 60 3.45 30.45 10.14
CA HIS B 60 2.27 29.78 9.47
C HIS B 60 2.28 28.24 9.61
N THR B 61 1.22 27.78 10.23
CA THR B 61 1.21 26.36 10.66
C THR B 61 -0.09 25.73 10.23
N LEU B 62 0.05 24.49 9.73
CA LEU B 62 -1.13 23.61 9.49
C LEU B 62 -1.03 22.44 10.50
N SER B 63 -2.11 22.17 11.16
CA SER B 63 -2.22 21.19 12.22
C SER B 63 -3.26 20.19 11.92
N ILE B 64 -2.84 18.90 11.94
CA ILE B 64 -3.76 17.78 11.75
C ILE B 64 -4.21 17.30 13.13
N GLU B 65 -5.49 17.32 13.36
CA GLU B 65 -6.12 17.06 14.64
C GLU B 65 -6.88 15.73 14.53
N GLU B 66 -6.90 14.98 15.63
CA GLU B 66 -7.53 13.64 15.63
C GLU B 66 -8.82 13.84 16.45
N HIS B 67 -9.98 13.75 15.79
CA HIS B 67 -11.29 14.04 16.43
C HIS B 67 -12.09 12.78 16.86
N GLY B 68 -11.73 11.67 16.31
CA GLY B 68 -12.49 10.43 16.57
C GLY B 68 -12.29 9.86 17.94
N ALA B 69 -11.09 9.90 18.50
CA ALA B 69 -10.71 9.30 19.83
C ALA B 69 -9.94 10.22 20.74
N PHE B 70 -9.32 11.23 20.14
CA PHE B 70 -8.35 12.04 20.89
C PHE B 70 -8.92 13.45 21.09
N GLY B 71 -10.20 13.67 20.87
CA GLY B 71 -10.77 14.92 21.31
C GLY B 71 -10.36 16.15 20.54
N GLY B 72 -9.75 16.01 19.36
CA GLY B 72 -9.22 17.15 18.65
C GLY B 72 -7.71 17.43 18.84
N LEU B 73 -7.02 16.65 19.62
CA LEU B 73 -5.58 16.79 19.80
C LEU B 73 -4.82 16.88 18.49
N SER B 74 -3.87 17.80 18.47
CA SER B 74 -3.01 18.06 17.33
C SER B 74 -1.85 17.03 17.32
N GLY B 75 -1.84 16.13 16.32
CA GLY B 75 -0.91 15.06 16.20
C GLY B 75 0.11 15.12 15.15
N GLN B 76 0.01 16.02 14.15
CA GLN B 76 0.99 16.14 13.08
C GLN B 76 0.87 17.56 12.55
N THR B 77 1.98 18.25 12.55
CA THR B 77 1.98 19.66 12.16
C THR B 77 3.11 19.94 11.21
N SER B 78 3.00 21.04 10.44
CA SER B 78 4.08 21.48 9.59
C SER B 78 3.96 23.04 9.56
N ASN B 79 5.10 23.68 9.36
CA ASN B 79 5.07 25.17 9.23
C ASN B 79 5.75 25.60 7.94
N GLU B 80 5.68 26.92 7.73
CA GLU B 80 6.22 27.53 6.54
C GLU B 80 7.74 27.51 6.48
N LYS B 81 8.39 27.13 7.57
CA LYS B 81 9.89 26.91 7.56
C LYS B 81 10.31 25.48 7.32
N GLY B 82 9.31 24.64 7.10
CA GLY B 82 9.58 23.24 6.83
C GLY B 82 9.83 22.41 8.12
N LEU B 83 9.42 22.95 9.23
CA LEU B 83 9.50 22.16 10.48
C LEU B 83 8.27 21.31 10.54
N SER B 84 8.43 20.04 11.00
CA SER B 84 7.35 19.06 11.20
C SER B 84 7.45 18.62 12.64
N VAL B 85 6.33 18.59 13.32
CA VAL B 85 6.24 18.00 14.67
C VAL B 85 5.15 16.96 14.70
N MET B 86 5.29 15.93 15.54
CA MET B 86 4.31 14.89 15.59
C MET B 86 4.25 14.20 16.94
N ALA B 87 3.04 13.76 17.26
CA ALA B 87 2.84 12.89 18.41
C ALA B 87 2.31 11.57 17.96
N LEU B 88 2.92 10.49 18.43
CA LEU B 88 2.46 9.09 18.16
C LEU B 88 2.24 8.40 19.51
N SER B 89 1.39 7.37 19.51
CA SER B 89 1.16 6.66 20.81
C SER B 89 2.43 5.98 21.27
N GLN B 90 2.65 5.95 22.56
CA GLN B 90 3.78 5.28 23.17
C GLN B 90 3.29 4.72 24.51
N HIS B 91 2.61 3.56 24.44
CA HIS B 91 1.99 3.01 25.63
C HIS B 91 2.97 2.71 26.74
N ASP B 92 4.23 2.45 26.45
CA ASP B 92 5.17 2.11 27.51
C ASP B 92 5.54 3.33 28.37
N SER B 93 5.18 4.55 27.95
CA SER B 93 5.33 5.70 28.84
C SER B 93 4.25 5.84 29.79
N GLU B 94 3.14 5.13 29.63
CA GLU B 94 2.00 5.33 30.56
C GLU B 94 2.31 5.26 32.06
N PRO B 95 3.17 4.32 32.47
CA PRO B 95 3.43 4.26 33.92
C PRO B 95 4.13 5.43 34.54
N TYR B 96 4.72 6.29 33.73
CA TYR B 96 5.63 7.29 34.18
C TYR B 96 5.07 8.70 34.02
N LEU B 97 3.87 8.84 33.41
CA LEU B 97 3.43 10.22 33.08
C LEU B 97 3.29 11.13 34.24
N SER B 98 2.76 10.57 35.34
CA SER B 98 2.50 11.39 36.53
C SER B 98 3.76 11.75 37.28
N GLN B 99 4.92 11.15 36.92
CA GLN B 99 6.18 11.41 37.55
C GLN B 99 7.02 12.43 36.79
N HIS B 100 6.50 12.94 35.67
CA HIS B 100 7.24 14.09 35.01
C HIS B 100 7.31 15.28 36.03
N LYS B 101 8.52 15.81 36.22
CA LYS B 101 8.77 16.87 37.15
C LYS B 101 8.58 18.22 36.44
N ASP B 102 7.86 19.08 37.12
CA ASP B 102 7.59 20.43 36.66
C ASP B 102 8.88 21.23 36.82
N ASN B 103 9.52 21.70 35.73
CA ASN B 103 10.66 22.55 35.77
C ASN B 103 10.38 24.07 35.87
N GLY B 104 9.12 24.45 36.09
CA GLY B 104 8.72 25.81 36.20
C GLY B 104 8.48 26.55 34.92
N ALA B 105 8.78 25.92 33.77
CA ALA B 105 8.44 26.58 32.49
C ALA B 105 6.94 26.58 32.27
N PRO B 106 6.46 27.52 31.45
CA PRO B 106 5.04 27.43 31.05
C PRO B 106 4.67 26.12 30.34
N ALA B 107 3.73 25.40 30.90
CA ALA B 107 3.40 24.03 30.41
C ALA B 107 2.33 24.12 29.37
N VAL B 108 2.50 23.29 28.29
CA VAL B 108 1.54 23.30 27.18
C VAL B 108 0.79 21.96 27.21
N ASN B 109 -0.53 22.08 27.14
CA ASN B 109 -1.39 20.96 27.11
C ASN B 109 -1.09 20.15 25.93
N THR B 110 -1.11 18.86 26.12
CA THR B 110 -0.75 17.96 25.05
C THR B 110 -1.66 17.99 23.85
N ALA B 111 -2.87 18.45 23.94
CA ALA B 111 -3.73 18.72 22.80
C ALA B 111 -3.19 19.74 21.82
N ASP B 112 -2.35 20.67 22.35
CA ASP B 112 -1.87 21.70 21.49
C ASP B 112 -0.36 21.74 21.30
N VAL B 113 0.42 21.06 22.11
CA VAL B 113 1.87 21.25 22.10
C VAL B 113 2.50 21.02 20.74
N VAL B 114 2.03 20.04 19.97
CA VAL B 114 2.59 19.79 18.68
C VAL B 114 2.47 21.01 17.74
N SER B 115 1.31 21.58 17.76
CA SER B 115 1.07 22.86 17.01
C SER B 115 1.85 24.00 17.57
N PHE B 116 1.83 24.18 18.91
CA PHE B 116 2.60 25.26 19.54
C PHE B 116 4.06 25.23 19.05
N ILE B 117 4.69 24.05 18.93
CA ILE B 117 6.11 24.01 18.54
C ILE B 117 6.31 24.53 17.12
N THR B 118 5.49 24.09 16.17
CA THR B 118 5.54 24.60 14.83
C THR B 118 5.30 26.09 14.78
N GLU B 119 4.36 26.57 15.64
CA GLU B 119 4.00 27.97 15.59
C GLU B 119 5.12 28.81 16.10
N ARG B 120 6.09 28.28 16.88
CA ARG B 120 7.11 29.12 17.48
C ARG B 120 8.49 28.97 16.96
N TYR B 121 8.81 27.87 16.34
CA TYR B 121 10.15 27.50 16.01
C TYR B 121 10.34 27.08 14.59
N ALA B 122 11.58 27.23 14.13
CA ALA B 122 11.92 26.96 12.74
C ALA B 122 12.78 25.73 12.48
N THR B 123 13.49 25.28 13.49
CA THR B 123 14.48 24.25 13.29
C THR B 123 14.47 23.32 14.53
N THR B 124 14.96 22.09 14.33
CA THR B 124 15.05 21.19 15.46
C THR B 124 15.88 21.83 16.61
N ALA B 125 17.06 22.34 16.23
CA ALA B 125 17.92 23.02 17.25
C ALA B 125 17.22 24.08 18.03
N GLU B 126 16.35 24.85 17.39
CA GLU B 126 15.64 25.91 18.10
C GLU B 126 14.76 25.32 19.17
N VAL B 127 14.08 24.18 18.85
CA VAL B 127 13.14 23.58 19.80
C VAL B 127 13.92 22.98 20.98
N LYS B 128 15.06 22.36 20.70
CA LYS B 128 15.89 21.77 21.78
C LYS B 128 16.43 22.89 22.66
N ALA B 129 16.84 24.04 22.09
CA ALA B 129 17.28 25.16 22.86
C ALA B 129 16.18 25.76 23.75
N ALA B 130 14.96 25.89 23.20
CA ALA B 130 13.82 26.37 23.88
C ALA B 130 13.51 25.46 25.09
N LEU B 131 13.50 24.15 24.94
CA LEU B 131 13.36 23.18 26.05
C LEU B 131 14.43 23.37 27.08
N ASP B 132 15.63 23.49 26.62
CA ASP B 132 16.81 23.66 27.53
C ASP B 132 16.75 24.98 28.30
N ASN B 133 16.27 26.04 27.67
CA ASN B 133 16.13 27.36 28.26
C ASN B 133 14.82 27.57 29.02
N GLY B 134 14.02 26.52 29.14
CA GLY B 134 12.78 26.67 29.86
C GLY B 134 11.72 27.60 29.28
N GLU B 135 11.70 27.76 27.96
CA GLU B 135 10.75 28.57 27.25
C GLU B 135 9.33 27.97 27.34
N PHE B 136 9.25 26.62 27.39
CA PHE B 136 7.99 25.92 27.51
C PHE B 136 8.37 24.50 28.01
N GLN B 137 7.39 23.78 28.48
CA GLN B 137 7.50 22.35 28.66
C GLN B 137 6.22 21.71 28.20
N ILE B 138 6.37 20.39 27.90
CA ILE B 138 5.21 19.59 27.61
C ILE B 138 4.49 19.14 28.90
N ALA B 139 3.16 19.22 28.97
CA ALA B 139 2.42 18.93 30.18
C ALA B 139 2.13 17.44 30.22
N TRP B 140 3.19 16.68 30.38
CA TRP B 140 3.10 15.18 30.36
C TRP B 140 2.08 14.60 31.33
N ALA B 141 2.05 15.20 32.51
CA ALA B 141 1.19 14.72 33.62
C ALA B 141 -0.27 15.12 33.51
N SER B 142 -0.58 16.09 32.60
CA SER B 142 -1.97 16.61 32.46
C SER B 142 -2.74 15.91 31.39
N ALA B 143 -4.03 15.68 31.59
CA ALA B 143 -4.91 15.14 30.56
C ALA B 143 -4.96 16.10 29.36
N PRO B 144 -5.01 15.56 28.16
CA PRO B 144 -5.25 16.44 27.02
C PRO B 144 -6.61 17.06 27.15
N ASN B 145 -6.72 18.25 26.61
CA ASN B 145 -8.05 18.89 26.57
C ASN B 145 -9.20 17.96 26.35
N GLY B 146 -10.17 18.09 27.26
CA GLY B 146 -11.40 17.32 27.17
C GLY B 146 -11.33 15.83 27.52
N MET B 147 -10.16 15.30 27.85
CA MET B 147 -10.01 13.86 28.08
C MET B 147 -9.83 13.64 29.58
N GLU B 148 -10.03 12.42 30.00
CA GLU B 148 -9.98 12.11 31.39
C GLU B 148 -8.57 11.93 31.96
N HIS B 149 -7.66 11.33 31.20
CA HIS B 149 -6.35 10.90 31.76
C HIS B 149 -5.24 11.44 30.91
N ALA B 150 -4.07 11.65 31.53
CA ALA B 150 -2.84 11.89 30.74
C ALA B 150 -2.64 10.82 29.66
N ALA B 151 -2.28 11.26 28.47
CA ALA B 151 -2.16 10.36 27.32
C ALA B 151 -0.70 9.90 27.20
N PRO B 152 -0.53 8.60 26.86
CA PRO B 152 0.84 8.12 26.63
C PRO B 152 1.27 8.29 25.18
N LEU B 153 2.01 9.36 24.94
CA LEU B 153 2.43 9.77 23.64
C LEU B 153 3.94 9.95 23.71
N HIS B 154 4.61 9.89 22.55
CA HIS B 154 5.99 10.35 22.35
C HIS B 154 6.00 11.34 21.14
N TYR B 155 6.90 12.31 21.22
CA TYR B 155 6.95 13.46 20.29
C TYR B 155 8.22 13.44 19.53
N SER B 156 8.13 14.02 18.34
CA SER B 156 9.36 14.18 17.56
C SER B 156 9.23 15.40 16.69
N VAL B 157 10.40 15.91 16.34
CA VAL B 157 10.53 17.12 15.53
C VAL B 157 11.46 16.77 14.41
N VAL B 158 11.10 17.18 13.19
CA VAL B 158 11.92 16.90 12.01
C VAL B 158 11.97 18.24 11.28
N ASP B 159 13.22 18.71 11.00
CA ASP B 159 13.33 20.02 10.26
C ASP B 159 13.69 19.77 8.77
N ALA B 160 13.65 20.86 8.01
CA ALA B 160 13.84 20.71 6.59
C ALA B 160 15.18 20.23 6.18
N ASP B 161 16.19 20.35 7.09
CA ASP B 161 17.50 19.81 6.81
C ASP B 161 17.75 18.38 7.35
N GLY B 162 16.66 17.77 7.80
CA GLY B 162 16.68 16.41 8.24
C GLY B 162 17.23 16.16 9.63
N ASN B 163 17.26 17.20 10.44
CA ASN B 163 17.57 17.02 11.86
C ASN B 163 16.35 16.54 12.62
N ILE B 164 16.54 15.50 13.42
CA ILE B 164 15.47 14.83 14.16
C ILE B 164 15.71 14.92 15.64
N MET B 165 14.65 15.19 16.37
CA MET B 165 14.67 15.00 17.83
C MET B 165 13.47 14.13 18.22
N LEU B 166 13.71 13.18 19.10
CA LEU B 166 12.72 12.33 19.68
C LEU B 166 12.70 12.71 21.18
N ILE B 167 11.52 12.88 21.69
CA ILE B 167 11.25 13.29 23.11
C ILE B 167 10.37 12.19 23.66
N GLN B 168 10.87 11.41 24.61
CA GLN B 168 10.23 10.22 25.12
C GLN B 168 10.32 10.19 26.59
N LEU B 169 9.17 10.06 27.26
CA LEU B 169 9.13 9.92 28.71
C LEU B 169 9.38 8.52 29.17
N VAL B 170 10.42 8.33 30.02
CA VAL B 170 10.93 7.02 30.36
C VAL B 170 10.97 6.89 31.85
N LYS B 171 11.61 5.79 32.31
CA LYS B 171 11.60 5.46 33.76
C LYS B 171 11.80 6.60 34.66
N GLY B 172 10.98 6.70 35.73
CA GLY B 172 11.14 7.83 36.67
C GLY B 172 10.53 9.12 36.29
N GLY B 173 9.91 9.16 35.11
CA GLY B 173 9.41 10.42 34.60
C GLY B 173 10.46 11.24 33.93
N GLU B 174 11.61 10.63 33.58
CA GLU B 174 12.65 11.36 32.91
C GLU B 174 12.14 11.69 31.48
N GLN B 175 12.35 12.90 31.03
CA GLN B 175 12.14 13.27 29.64
C GLN B 175 13.42 12.98 28.96
N LYS B 176 13.48 11.92 28.15
CA LYS B 176 14.71 11.54 27.43
C LYS B 176 14.63 12.20 26.06
N ILE B 177 15.73 12.75 25.58
CA ILE B 177 15.84 13.40 24.26
C ILE B 177 16.91 12.62 23.47
N TYR B 178 16.51 12.17 22.25
CA TYR B 178 17.38 11.51 21.32
C TYR B 178 17.50 12.46 20.15
N LEU B 179 18.73 12.64 19.66
CA LEU B 179 19.03 13.42 18.44
C LEU B 179 19.72 12.57 17.42
N GLY B 180 19.39 12.89 16.12
CA GLY B 180 19.96 12.20 14.99
C GLY B 180 19.51 12.80 13.70
N ASP B 181 19.98 12.36 12.58
CA ASP B 181 19.45 12.94 11.32
C ASP B 181 18.64 11.91 10.57
N ALA B 182 18.26 12.27 9.35
CA ALA B 182 17.38 11.40 8.61
C ALA B 182 18.00 10.20 8.03
N GLU B 183 19.28 9.98 8.24
CA GLU B 183 19.91 8.71 7.95
C GLU B 183 20.21 7.86 9.16
N SER B 184 19.87 8.38 10.32
CA SER B 184 19.99 7.56 11.57
C SER B 184 18.78 6.73 11.77
N ASP B 185 18.80 5.85 12.74
CA ASP B 185 17.64 5.02 13.05
C ASP B 185 16.48 5.86 13.56
N LEU B 186 16.66 7.10 13.94
CA LEU B 186 15.60 7.98 14.38
C LEU B 186 14.71 8.48 13.21
N ARG B 187 15.13 8.13 11.99
CA ARG B 187 14.29 8.40 10.84
C ARG B 187 13.02 7.56 10.93
N VAL B 188 13.00 6.50 11.72
CA VAL B 188 11.83 5.63 11.92
C VAL B 188 11.36 5.83 13.35
N LYS B 189 10.08 6.02 13.53
CA LYS B 189 9.39 6.07 14.81
C LYS B 189 8.07 5.35 14.73
N THR B 190 7.76 4.52 15.72
CA THR B 190 6.51 3.85 15.77
C THR B 190 5.87 4.07 17.12
N ASN B 191 5.63 2.98 17.85
CA ASN B 191 4.89 2.94 19.08
C ASN B 191 5.74 2.22 20.07
N ASP B 192 5.16 1.59 21.06
CA ASP B 192 5.90 0.81 22.06
C ASP B 192 6.69 -0.32 21.40
N PRO B 193 7.82 -0.73 21.97
CA PRO B 193 8.37 -0.31 23.23
C PRO B 193 9.13 0.99 23.21
N LEU B 194 9.83 1.32 24.29
CA LEU B 194 10.60 2.52 24.32
C LEU B 194 11.85 2.38 23.45
N GLN B 195 12.44 3.51 23.04
CA GLN B 195 13.49 3.55 22.02
C GLN B 195 14.69 2.68 22.34
N GLU B 196 15.04 2.61 23.62
CA GLU B 196 16.16 1.70 23.97
C GLU B 196 15.87 0.25 23.67
N LYS B 197 14.60 -0.11 23.87
CA LYS B 197 14.22 -1.47 23.59
C LYS B 197 14.16 -1.82 22.08
N HIS B 198 13.68 -0.86 21.26
CA HIS B 198 13.80 -1.03 19.84
C HIS B 198 15.27 -1.20 19.37
N ARG B 199 16.17 -0.37 19.94
CA ARG B 199 17.56 -0.45 19.58
C ARG B 199 18.14 -1.76 20.00
N GLU B 200 17.74 -2.29 21.17
CA GLU B 200 18.23 -3.63 21.57
C GLU B 200 17.77 -4.72 20.59
N TYR B 201 16.51 -4.67 20.24
CA TYR B 201 15.93 -5.59 19.31
C TYR B 201 16.63 -5.58 17.98
N MET B 202 16.99 -4.43 17.48
CA MET B 202 17.63 -4.26 16.19
C MET B 202 19.04 -4.77 16.12
N GLN B 203 19.66 -4.99 17.26
CA GLN B 203 21.09 -5.41 17.22
C GLN B 203 21.24 -6.79 16.57
N GLN B 204 20.21 -7.67 16.53
CA GLN B 204 20.31 -8.96 15.87
C GLN B 204 20.17 -8.90 14.38
N PHE B 205 19.88 -7.73 13.83
CA PHE B 205 19.64 -7.64 12.38
C PHE B 205 20.69 -6.85 11.69
N ASP B 206 21.29 -7.40 10.65
CA ASP B 206 22.28 -6.64 9.91
C ASP B 206 21.59 -5.92 8.75
N LEU B 207 21.40 -4.64 8.91
CA LEU B 207 20.64 -3.87 7.93
C LEU B 207 21.31 -3.81 6.59
N LYS B 208 22.62 -4.03 6.55
CA LYS B 208 23.31 -3.98 5.25
C LYS B 208 22.92 -5.14 4.33
N ASP B 209 22.37 -6.22 4.87
CA ASP B 209 22.01 -7.42 4.06
C ASP B 209 20.64 -7.09 3.38
N PRO B 210 20.61 -7.01 2.04
CA PRO B 210 19.38 -6.63 1.35
C PRO B 210 18.26 -7.64 1.51
N SER B 211 18.56 -8.84 2.01
CA SER B 211 17.56 -9.83 2.35
C SER B 211 17.07 -9.79 3.80
N VAL B 212 17.55 -8.82 4.58
CA VAL B 212 17.25 -8.83 6.01
C VAL B 212 15.80 -8.69 6.42
N ALA B 213 15.01 -8.01 5.59
CA ALA B 213 13.61 -7.86 5.97
C ALA B 213 12.96 -9.28 5.98
N THR B 214 13.47 -10.18 5.13
CA THR B 214 12.91 -11.51 5.14
C THR B 214 13.20 -12.35 6.32
N LYS B 215 14.12 -11.90 7.15
CA LYS B 215 14.53 -12.56 8.36
C LYS B 215 13.90 -11.96 9.60
N MET B 216 13.07 -10.93 9.43
CA MET B 216 12.38 -10.24 10.54
C MET B 216 10.97 -10.76 10.72
N PRO B 217 10.59 -11.07 11.95
CA PRO B 217 9.19 -11.36 12.19
C PRO B 217 8.26 -10.24 11.83
N TRP B 218 7.09 -10.60 11.39
CA TRP B 218 6.01 -9.72 11.11
C TRP B 218 4.93 -9.71 12.14
N SER B 219 4.49 -8.54 12.48
CA SER B 219 3.31 -8.35 13.26
C SER B 219 2.81 -6.92 13.01
N ILE B 220 1.72 -6.58 13.69
CA ILE B 220 1.20 -5.20 13.62
C ILE B 220 1.73 -4.33 14.73
N GLY B 221 2.56 -4.87 15.63
CA GLY B 221 3.07 -4.02 16.66
C GLY B 221 4.15 -3.02 16.31
N GLY B 222 4.39 -2.09 17.20
CA GLY B 222 5.40 -1.09 16.99
C GLY B 222 6.78 -1.66 16.80
N LEU B 223 7.09 -2.78 17.50
CA LEU B 223 8.40 -3.37 17.41
C LEU B 223 8.67 -3.83 15.99
N GLU B 224 7.73 -4.61 15.41
CA GLU B 224 7.97 -5.13 14.12
C GLU B 224 7.86 -4.03 13.02
N ARG B 225 7.03 -3.07 13.20
CA ARG B 225 6.92 -1.97 12.23
C ARG B 225 8.26 -1.16 12.23
N ASN B 226 8.83 -0.93 13.42
CA ASN B 226 10.09 -0.21 13.48
C ASN B 226 11.13 -0.95 12.66
N SER B 227 11.26 -2.29 12.95
CA SER B 227 12.33 -3.04 12.27
C SER B 227 12.15 -3.10 10.79
N ARG B 228 10.89 -3.27 10.34
CA ARG B 228 10.70 -3.41 8.93
C ARG B 228 10.87 -2.08 8.21
N LEU B 229 10.47 -0.96 8.82
CA LEU B 229 10.67 0.33 8.18
C LEU B 229 12.24 0.58 8.07
N LEU B 230 13.00 0.23 9.07
CA LEU B 230 14.43 0.41 9.02
C LEU B 230 15.03 -0.43 7.92
N ALA B 231 14.64 -1.71 7.86
CA ALA B 231 15.19 -2.56 6.80
C ALA B 231 14.82 -2.09 5.40
N MET B 232 13.52 -1.80 5.19
CA MET B 232 13.11 -1.49 3.82
C MET B 232 13.57 -0.13 3.37
N SER B 233 13.74 0.82 4.31
CA SER B 233 14.25 2.11 3.94
C SER B 233 15.73 2.08 3.70
N THR B 234 16.45 1.14 4.26
CA THR B 234 17.90 1.07 4.02
C THR B 234 18.20 0.79 2.54
N HIS B 235 17.35 -0.03 1.89
CA HIS B 235 17.66 -0.53 0.56
C HIS B 235 16.82 0.19 -0.43
N MET B 236 16.19 1.26 -0.05
CA MET B 236 15.46 2.06 -0.98
C MET B 236 16.42 2.93 -1.76
N ASP B 237 16.40 2.72 -3.06
CA ASP B 237 17.33 3.32 -3.96
C ASP B 237 16.58 4.33 -4.83
N LEU B 238 16.85 5.62 -4.61
CA LEU B 238 16.16 6.64 -5.30
C LEU B 238 16.85 7.24 -6.46
N GLU B 239 17.99 6.67 -6.84
CA GLU B 239 18.73 7.17 -7.99
C GLU B 239 18.00 7.08 -9.30
N GLY B 240 18.07 8.20 -10.06
CA GLY B 240 17.42 8.34 -11.36
C GLY B 240 15.93 8.52 -11.40
N LEU B 241 15.30 8.63 -10.23
CA LEU B 241 13.86 8.72 -10.20
C LEU B 241 13.46 10.19 -10.37
N SER B 242 12.30 10.46 -10.96
CA SER B 242 11.70 11.74 -10.97
C SER B 242 11.11 12.11 -9.63
N TYR B 243 10.65 13.34 -9.46
CA TYR B 243 9.99 13.68 -8.22
C TYR B 243 8.81 12.78 -7.98
N THR B 244 7.90 12.66 -8.91
CA THR B 244 6.70 11.84 -8.71
C THR B 244 7.13 10.42 -8.29
N GLU B 245 8.11 9.86 -9.02
CA GLU B 245 8.58 8.50 -8.73
C GLU B 245 9.20 8.36 -7.39
N THR B 246 9.83 9.46 -6.90
CA THR B 246 10.48 9.41 -5.58
C THR B 246 9.40 9.41 -4.50
N VAL B 247 8.41 10.29 -4.60
CA VAL B 247 7.28 10.32 -3.64
C VAL B 247 6.60 8.95 -3.57
N ALA B 248 6.39 8.38 -4.79
CA ALA B 248 5.76 7.10 -4.86
C ALA B 248 6.56 5.99 -4.25
N ARG B 249 7.90 6.02 -4.45
CA ARG B 249 8.76 5.08 -3.88
C ARG B 249 8.71 5.11 -2.39
N GLN B 250 8.82 6.30 -1.82
CA GLN B 250 8.61 6.32 -0.34
C GLN B 250 7.30 5.72 0.08
N LYS B 251 6.23 6.10 -0.58
CA LYS B 251 4.90 5.62 -0.23
C LYS B 251 4.77 4.11 -0.24
N GLY B 252 5.23 3.57 -1.34
CA GLY B 252 5.15 2.13 -1.56
C GLY B 252 5.95 1.37 -0.50
N THR B 253 7.21 1.79 -0.32
CA THR B 253 8.09 1.18 0.67
C THR B 253 7.51 1.28 2.04
N PHE B 254 7.06 2.44 2.42
CA PHE B 254 6.39 2.64 3.69
C PHE B 254 5.21 1.75 3.86
N ASP B 255 4.35 1.71 2.87
CA ASP B 255 3.14 0.90 3.04
C ASP B 255 3.48 -0.55 3.22
N ALA B 256 4.45 -1.04 2.45
CA ALA B 256 4.84 -2.46 2.62
C ALA B 256 5.35 -2.70 4.02
N ALA B 257 6.08 -1.76 4.57
CA ALA B 257 6.60 -1.96 5.91
C ALA B 257 5.66 -1.72 7.03
N ALA B 258 4.69 -0.84 6.87
CA ALA B 258 4.02 -0.26 8.03
C ALA B 258 2.53 -0.03 7.88
N LEU B 259 1.91 -0.25 6.70
CA LEU B 259 0.41 -0.07 6.60
C LEU B 259 -0.20 -1.18 7.34
N VAL B 260 -1.13 -0.88 8.28
CA VAL B 260 -1.72 -1.92 9.12
C VAL B 260 -3.16 -2.23 8.56
N PRO B 261 -3.38 -3.50 8.12
CA PRO B 261 -4.70 -3.78 7.56
C PRO B 261 -5.72 -3.94 8.67
N PHE B 262 -6.99 -3.79 8.31
CA PHE B 262 -8.06 -4.22 9.09
C PHE B 262 -8.13 -5.72 9.25
N GLY B 263 -8.56 -6.16 10.43
CA GLY B 263 -8.90 -7.60 10.68
C GLY B 263 -7.81 -8.43 11.33
N VAL B 264 -6.58 -7.98 11.28
CA VAL B 264 -5.51 -8.68 11.93
C VAL B 264 -5.43 -8.28 13.42
N GLN B 265 -5.47 -9.26 14.30
CA GLN B 265 -5.39 -9.05 15.76
C GLN B 265 -3.98 -9.26 16.26
N ASP B 266 -3.50 -8.37 17.13
CA ASP B 266 -2.19 -8.51 17.72
C ASP B 266 -2.32 -9.40 18.94
N PRO B 267 -1.62 -10.57 18.92
CA PRO B 267 -1.70 -11.39 20.13
C PRO B 267 -1.27 -10.74 21.41
N LYS B 268 -0.42 -9.70 21.37
CA LYS B 268 0.05 -9.00 22.59
C LYS B 268 -0.99 -8.06 23.19
N THR B 269 -1.98 -7.62 22.43
CA THR B 269 -2.98 -6.71 22.97
C THR B 269 -4.39 -7.33 22.95
N GLY B 270 -4.61 -8.39 22.20
CA GLY B 270 -5.93 -8.90 21.91
C GLY B 270 -6.78 -8.02 21.01
N GLU B 271 -6.14 -7.04 20.34
CA GLU B 271 -6.89 -5.99 19.61
C GLU B 271 -6.29 -5.87 18.22
N ASP B 272 -6.97 -5.17 17.34
CA ASP B 272 -6.42 -4.79 16.03
C ASP B 272 -5.81 -3.38 16.17
N TYR B 273 -5.39 -2.87 15.04
CA TYR B 273 -4.75 -1.53 15.08
C TYR B 273 -4.63 -0.97 13.65
N PRO B 274 -5.70 -1.01 12.86
CA PRO B 274 -5.61 -0.56 11.49
C PRO B 274 -5.15 0.86 11.28
N SER B 275 -4.51 1.09 10.12
CA SER B 275 -4.21 2.49 9.66
C SER B 275 -5.48 3.12 9.11
N PHE B 276 -5.84 4.32 9.65
CA PHE B 276 -7.00 5.08 9.14
C PHE B 276 -6.69 6.14 8.09
N PHE B 277 -5.57 6.83 8.28
CA PHE B 277 -5.19 7.86 7.37
C PHE B 277 -3.67 7.99 7.37
N SER B 278 -3.15 8.65 6.37
CA SER B 278 -1.73 8.94 6.27
C SER B 278 -1.49 10.33 5.72
N MET B 279 -0.30 10.82 6.01
CA MET B 279 0.15 12.10 5.51
C MET B 279 1.53 11.92 4.94
N GLN B 280 1.79 12.53 3.81
CA GLN B 280 3.12 12.58 3.25
C GLN B 280 3.44 14.06 3.08
N TYR B 281 4.69 14.44 3.37
CA TYR B 281 5.16 15.85 3.30
C TYR B 281 6.46 15.91 2.56
N ASN B 282 6.67 16.98 1.77
CA ASN B 282 8.00 17.37 1.31
C ASN B 282 8.27 18.64 2.11
N LEU B 283 9.19 18.52 3.06
CA LEU B 283 9.46 19.67 3.95
C LEU B 283 10.20 20.78 3.25
N ASP B 284 10.80 20.50 2.09
CA ASP B 284 11.53 21.60 1.41
C ASP B 284 10.56 22.43 0.59
N ASN B 285 9.41 21.94 0.16
CA ASN B 285 8.59 22.75 -0.75
C ASN B 285 7.14 22.93 -0.43
N GLY B 286 6.70 22.34 0.71
CA GLY B 286 5.34 22.51 1.18
C GLY B 286 4.31 21.52 0.63
N ASP B 287 4.72 20.58 -0.19
CA ASP B 287 3.79 19.59 -0.72
C ASP B 287 3.29 18.69 0.37
N ILE B 288 1.97 18.48 0.34
CA ILE B 288 1.27 17.62 1.35
C ILE B 288 0.32 16.67 0.61
N TRP B 289 0.33 15.40 0.98
CA TRP B 289 -0.62 14.41 0.52
C TRP B 289 -1.37 13.83 1.66
N PHE B 290 -2.70 13.93 1.71
CA PHE B 290 -3.55 13.37 2.72
C PHE B 290 -4.36 12.21 2.10
N ARG B 291 -4.15 11.02 2.66
CA ARG B 291 -4.77 9.79 2.20
C ARG B 291 -5.62 9.22 3.29
N SER B 292 -6.89 8.88 2.95
CA SER B 292 -7.75 8.13 3.80
C SER B 292 -7.74 6.65 3.39
N LEU B 293 -7.45 5.75 4.31
CA LEU B 293 -7.46 4.31 4.04
C LEU B 293 -8.85 3.82 4.03
N MET B 294 -9.81 4.53 4.56
CA MET B 294 -11.21 4.03 4.56
C MET B 294 -11.83 4.14 3.18
N SER B 295 -11.61 5.23 2.48
CA SER B 295 -12.03 5.38 1.09
C SER B 295 -11.04 5.03 0.05
N GLY B 296 -9.76 4.99 0.45
CA GLY B 296 -8.64 4.86 -0.41
C GLY B 296 -8.33 6.11 -1.21
N LYS B 297 -8.95 7.21 -0.86
CA LYS B 297 -8.78 8.43 -1.70
C LYS B 297 -7.72 9.32 -1.09
N GLU B 298 -7.23 10.21 -1.90
CA GLU B 298 -6.11 11.11 -1.44
C GLU B 298 -6.19 12.42 -2.18
N ILE B 299 -5.80 13.48 -1.51
CA ILE B 299 -5.66 14.78 -2.10
C ILE B 299 -4.23 15.31 -1.95
N LYS B 300 -3.72 15.96 -2.96
CA LYS B 300 -2.45 16.60 -2.91
C LYS B 300 -2.75 18.07 -2.82
N PHE B 301 -2.00 18.77 -1.94
CA PHE B 301 -2.06 20.21 -1.82
C PHE B 301 -0.67 20.70 -1.37
N ASN B 302 -0.61 21.97 -1.10
CA ASN B 302 0.62 22.67 -0.65
C ASN B 302 0.30 23.60 0.47
N LEU B 303 1.16 23.68 1.45
CA LEU B 303 0.99 24.67 2.53
C LEU B 303 0.74 26.11 2.00
N GLU B 304 1.37 26.42 0.92
CA GLU B 304 1.30 27.75 0.24
C GLU B 304 -0.13 28.05 -0.07
N ASP B 305 -0.96 27.02 -0.31
CA ASP B 305 -2.37 27.28 -0.61
C ASP B 305 -3.15 27.96 0.46
N THR B 306 -2.68 27.86 1.72
CA THR B 306 -3.34 28.40 2.88
C THR B 306 -2.68 29.70 3.36
N LYS B 307 -1.61 30.12 2.68
CA LYS B 307 -0.84 31.26 3.19
C LYS B 307 -1.62 32.58 3.10
N GLN B 308 -2.66 32.62 2.28
CA GLN B 308 -3.54 33.81 2.12
C GLN B 308 -4.51 34.00 3.29
N PHE B 309 -4.76 32.96 4.11
CA PHE B 309 -5.73 33.01 5.17
C PHE B 309 -5.34 34.04 6.21
N LYS B 310 -6.31 34.90 6.60
CA LYS B 310 -6.04 35.94 7.59
C LYS B 310 -6.59 35.72 8.94
N THR B 311 -7.35 34.62 9.14
CA THR B 311 -7.84 34.21 10.38
C THR B 311 -7.66 32.66 10.42
N PRO B 312 -7.61 32.04 11.61
CA PRO B 312 -7.64 30.58 11.60
C PRO B 312 -8.79 29.98 10.86
N MET B 313 -8.50 28.88 10.21
CA MET B 313 -9.46 28.13 9.40
C MET B 313 -9.39 26.63 9.71
N HIS B 314 -10.47 25.93 9.40
CA HIS B 314 -10.59 24.54 9.78
C HIS B 314 -11.19 23.78 8.61
N ALA B 315 -10.85 22.49 8.47
CA ALA B 315 -11.45 21.61 7.45
C ALA B 315 -11.55 20.21 8.02
N ASP B 316 -12.73 19.61 7.89
CA ASP B 316 -12.87 18.16 8.17
C ASP B 316 -12.27 17.36 7.05
N ILE B 317 -10.96 17.38 6.91
CA ILE B 317 -10.32 16.90 5.71
C ILE B 317 -10.61 15.41 5.40
N MET B 318 -10.55 14.52 6.39
CA MET B 318 -10.74 13.11 6.11
C MET B 318 -12.15 12.92 5.56
N ALA B 319 -13.11 13.51 6.24
CA ALA B 319 -14.50 13.44 5.69
C ALA B 319 -14.64 13.90 4.30
N GLN B 320 -13.99 15.01 3.96
CA GLN B 320 -14.10 15.57 2.62
C GLN B 320 -13.45 14.63 1.64
N VAL B 321 -12.23 14.10 1.96
CA VAL B 321 -11.51 13.16 1.08
C VAL B 321 -12.39 11.90 0.82
N ASP B 322 -13.04 11.44 1.89
CA ASP B 322 -13.90 10.19 1.86
C ASP B 322 -15.07 10.43 0.95
N LYS B 323 -15.53 11.66 0.88
CA LYS B 323 -16.68 11.98 -0.04
C LYS B 323 -16.26 12.23 -1.45
N GLY B 324 -15.00 12.12 -1.82
CA GLY B 324 -14.57 12.39 -3.12
C GLY B 324 -14.14 13.78 -3.46
N ALA B 325 -13.98 14.63 -2.45
CA ALA B 325 -13.46 15.96 -2.76
C ALA B 325 -12.10 15.98 -3.35
N GLN B 326 -11.92 16.89 -4.30
CA GLN B 326 -10.65 17.09 -4.97
C GLN B 326 -9.97 18.33 -4.48
N THR B 327 -10.71 19.25 -3.89
CA THR B 327 -10.07 20.38 -3.16
C THR B 327 -10.63 20.53 -1.79
N ILE B 328 -9.89 21.26 -0.96
CA ILE B 328 -10.33 21.40 0.41
C ILE B 328 -11.36 22.56 0.59
N THR B 329 -12.40 22.33 1.30
CA THR B 329 -13.31 23.38 1.77
C THR B 329 -12.93 23.80 3.19
N TRP B 330 -12.62 25.09 3.36
CA TRP B 330 -12.23 25.65 4.64
C TRP B 330 -13.34 26.49 5.25
N SER B 331 -13.45 26.46 6.53
CA SER B 331 -14.43 27.25 7.31
C SER B 331 -13.70 28.05 8.38
N LYS B 332 -14.25 29.17 8.77
CA LYS B 332 -13.74 29.96 9.86
C LYS B 332 -13.88 29.27 11.15
N MET B 333 -12.94 29.42 12.08
CA MET B 333 -12.95 28.61 13.29
C MET B 333 -14.00 28.99 14.33
#